data_7WB1
#
_entry.id   7WB1
#
_cell.length_a   1.00
_cell.length_b   1.00
_cell.length_c   1.00
_cell.angle_alpha   90.00
_cell.angle_beta   90.00
_cell.angle_gamma   90.00
#
_symmetry.space_group_name_H-M   'P 1'
#
loop_
_entity.id
_entity.type
_entity.pdbx_description
1 polymer TS-DNA
2 polymer NTS-DNA
3 polymer 'RNA (121-MER)'
4 polymer dPlmCasX
#
loop_
_entity_poly.entity_id
_entity_poly.type
_entity_poly.pdbx_seq_one_letter_code
_entity_poly.pdbx_strand_id
1 'polydeoxyribonucleotide'
;(DA)(DT)(DC)(DG)(DT)(DT)(DA)(DT)(DA)(DC)(DT)(DT)(DT)(DG)(DA)(DT)(DT)(DT)(DT)(DC)
(DT)(DG)(DC)(DT)(DG)(DC)(DA)(DG)(DG)(DA)(DT)(DG)(DA)(DA)(DA)(DT)(DC)(DC)(DC)(DG)
;
B
2 'polydeoxyribonucleotide'
;(DC)(DG)(DG)(DG)(DA)(DT)(DT)(DT)(DC)(DA)(DT)(DC)(DC)(DT)(DG)(DC)(DA)(DG)(DC)(DA)
(DT)(DC)(DC)(DC)(DC)(DG)(DA)(DC)(DC)(DC)(DG)(DT)(DA)(DT)(DA)(DA)(DC)(DG)(DA)(DT)
;
C
3 'polyribonucleotide'
;GGCGCUUUUAUCUCAUUACUUUGAGAGCCAUCACCAGCGACUAUGUCGUAUGGGUAAAGCGCUUAUUUAUCGGAGAAACC
GAUAAAUAAGAAGCAUCAAAGUCCUGCAGCAGAAAAUCAAA
;
D
4 'polypeptide(L)'
;MQEIKRINKIRRRLVKDSNTKKAGKTGPMKTLLVRVMTPDLRERLENLRKKPENIPQPISNTSRANLNKLLTDYTEMKKA
ILHVYWEEFQKDPVGLMSRVAQPAPKNIDQRKLIPVKDGNERLTSSGFACSQCCQPLYVYKLEQVNDKGKPHTNYFGRCN
VSEHERLILLSPHKPEANDELVTYSLGKFGQRALDFYSIHVTRESNHPVKPLEQIGGNSCASGPVGKALSDACMGAVASF
LTKYQDIILEHQKVIKKNEKRLANLKDIASANGLAFPKITLPPQPHTKEGIEAYNNVVAQIVIWVNLNLWQKLKIGRDEA
KPLQRLKGFPSFPLVERQANEVDWWDMVCNVKKLINEKKEDGKVFWQNLAGYKRQEALLPYLSSEEDRKKGKKFARYQFG
DLLLHLEKKHGEDWGKVYDEAWERIDKKVEGLSKHIKLEEERRSEDAQSKAALTDWLRAKASFVIEGLKEADKDEFCRCE
LKLQKWYGDLRGKPFAIEAENSILDISGFSKQYNCAFIWQKDGVKKLNLYLIINYFKGGKLRFKKIKPEAFEANRFYTVI
NKKSGEIVPMEVNFNFDDPNLIILPLAFGKRQGREFIWNDLLSLETGSLKLANGRVIEKTLYNRRTRQDEPALFVALTFE
RREVLDSSNIKPMNLIGIARGENIPAVIALTDPEGCPLSRFKDSLGNPTHILRIGESYKEKQRTIQAAKEVEQRRAGGYS
RKYASKAKNLADDMVRNTARDLLYYAVTQDAMLIFANLSRGFGRQGKRTFMAERQYTRMEDWLTAKLAYEGLPSKTYLSK
TLAQYTSKTCSNCGFTITSADYDRVLEKLKKTATGWMTTINGKELKVEGQITYYNRYKRQNVVKDLSVELDRLSEESVNN
DISSWTKGRSGEALSLLKKRFSHRPVQEKFVCLNCGFETHAAEQAALNIARSWLFLRSQEYKKYQTNKTTGNTDKRAFVE
TWQSFYRKKLKEVWKPAV
;
A
#
# COMPACT_ATOMS: atom_id res chain seq x y z
N ILE D 4 -19.16 -25.71 14.89
CA ILE D 4 -19.80 -24.67 14.09
C ILE D 4 -19.02 -23.37 14.21
N LYS D 5 -18.58 -22.84 13.07
CA LYS D 5 -17.85 -21.58 13.02
C LYS D 5 -18.60 -20.62 12.08
N ARG D 6 -19.34 -19.69 12.66
CA ARG D 6 -20.00 -18.63 11.92
C ARG D 6 -19.83 -17.32 12.65
N ILE D 7 -19.43 -16.28 11.93
CA ILE D 7 -19.07 -15.02 12.56
C ILE D 7 -20.29 -14.35 13.19
N ASN D 8 -21.41 -14.33 12.48
CA ASN D 8 -22.60 -13.69 13.01
C ASN D 8 -23.17 -14.43 14.22
N LYS D 9 -22.95 -15.75 14.30
CA LYS D 9 -23.30 -16.47 15.50
C LYS D 9 -22.50 -15.96 16.69
N ILE D 10 -21.20 -15.72 16.48
CA ILE D 10 -20.36 -15.16 17.54
C ILE D 10 -20.84 -13.77 17.92
N ARG D 11 -21.23 -12.97 16.93
CA ARG D 11 -21.75 -11.64 17.23
C ARG D 11 -23.02 -11.71 18.06
N ARG D 12 -23.90 -12.66 17.73
CA ARG D 12 -25.13 -12.83 18.49
C ARG D 12 -24.84 -13.26 19.92
N ARG D 13 -23.88 -14.17 20.10
CA ARG D 13 -23.50 -14.56 21.46
C ARG D 13 -22.95 -13.38 22.24
N LEU D 14 -22.10 -12.58 21.61
CA LEU D 14 -21.55 -11.39 22.26
C LEU D 14 -22.63 -10.39 22.62
N VAL D 15 -23.65 -10.28 21.77
CA VAL D 15 -24.77 -9.39 22.07
C VAL D 15 -25.55 -9.93 23.27
N LYS D 16 -25.81 -11.23 23.27
CA LYS D 16 -26.67 -11.81 24.30
C LYS D 16 -26.02 -11.76 25.67
N ASP D 17 -24.73 -12.07 25.76
CA ASP D 17 -24.09 -12.17 27.07
C ASP D 17 -23.65 -10.82 27.65
N SER D 18 -24.21 -9.70 27.17
CA SER D 18 -23.83 -8.39 27.67
C SER D 18 -25.05 -7.47 27.63
N ASN D 19 -24.90 -6.32 28.28
CA ASN D 19 -25.95 -5.30 28.31
C ASN D 19 -25.81 -4.36 27.11
N THR D 20 -26.80 -3.49 26.96
CA THR D 20 -26.85 -2.55 25.85
C THR D 20 -26.83 -1.11 26.37
N LYS D 21 -26.31 -0.21 25.55
CA LYS D 21 -26.28 1.20 25.88
C LYS D 21 -26.21 2.01 24.59
N LYS D 22 -26.51 3.30 24.70
CA LYS D 22 -26.44 4.18 23.54
C LYS D 22 -24.99 4.42 23.15
N ALA D 23 -24.79 4.76 21.88
CA ALA D 23 -23.46 4.99 21.34
C ALA D 23 -22.97 6.37 21.78
N GLY D 24 -21.80 6.76 21.26
CA GLY D 24 -21.21 8.04 21.57
C GLY D 24 -21.66 9.13 20.62
N LYS D 25 -20.84 10.17 20.51
CA LYS D 25 -21.15 11.28 19.61
C LYS D 25 -21.15 10.82 18.16
N THR D 26 -20.08 10.15 17.74
CA THR D 26 -19.97 9.61 16.39
C THR D 26 -19.68 8.11 16.53
N GLY D 27 -20.73 7.29 16.42
CA GLY D 27 -20.60 5.87 16.63
C GLY D 27 -19.88 5.18 15.49
N PRO D 28 -19.78 3.86 15.59
CA PRO D 28 -19.14 3.09 14.52
C PRO D 28 -19.89 3.22 13.21
N MET D 29 -19.16 3.12 12.11
CA MET D 29 -19.73 3.30 10.79
C MET D 29 -19.42 2.10 9.92
N LYS D 30 -20.33 1.79 9.00
CA LYS D 30 -20.21 0.66 8.11
C LYS D 30 -20.85 1.03 6.78
N THR D 31 -20.28 0.52 5.69
CA THR D 31 -20.69 0.90 4.34
C THR D 31 -21.29 -0.30 3.63
N LEU D 32 -22.43 -0.08 2.98
CA LEU D 32 -23.09 -1.09 2.15
C LEU D 32 -22.96 -0.70 0.69
N LEU D 33 -22.61 -1.66 -0.15
CA LEU D 33 -22.39 -1.42 -1.59
C LEU D 33 -23.26 -2.38 -2.38
N VAL D 34 -24.24 -1.84 -3.11
CA VAL D 34 -25.17 -2.65 -3.89
C VAL D 34 -25.08 -2.23 -5.35
N ARG D 35 -25.93 -2.81 -6.20
CA ARG D 35 -25.94 -2.52 -7.62
C ARG D 35 -27.29 -1.98 -8.04
N VAL D 36 -27.29 -1.17 -9.10
CA VAL D 36 -28.50 -0.55 -9.61
C VAL D 36 -29.17 -1.50 -10.59
N MET D 37 -30.49 -1.61 -10.50
CA MET D 37 -31.22 -2.57 -11.32
C MET D 37 -31.15 -2.19 -12.80
N THR D 38 -30.34 -2.90 -13.55
CA THR D 38 -30.12 -2.72 -14.97
C THR D 38 -30.81 -3.84 -15.76
N PRO D 39 -31.31 -3.56 -16.96
CA PRO D 39 -31.95 -4.64 -17.74
C PRO D 39 -31.07 -5.87 -17.93
N ASP D 40 -29.75 -5.73 -17.85
CA ASP D 40 -28.89 -6.91 -17.94
C ASP D 40 -29.14 -7.86 -16.78
N LEU D 41 -29.31 -7.32 -15.57
CA LEU D 41 -29.66 -8.16 -14.42
C LEU D 41 -31.01 -8.81 -14.63
N ARG D 42 -31.95 -8.09 -15.24
CA ARG D 42 -33.26 -8.68 -15.53
C ARG D 42 -33.13 -9.86 -16.47
N GLU D 43 -32.34 -9.70 -17.55
CA GLU D 43 -32.16 -10.80 -18.48
C GLU D 43 -31.48 -11.99 -17.82
N ARG D 44 -30.48 -11.72 -16.98
CA ARG D 44 -29.82 -12.81 -16.27
C ARG D 44 -30.81 -13.52 -15.34
N LEU D 45 -31.69 -12.77 -14.70
CA LEU D 45 -32.71 -13.38 -13.84
C LEU D 45 -33.68 -14.23 -14.64
N GLU D 46 -34.03 -13.79 -15.84
CA GLU D 46 -35.01 -14.53 -16.65
C GLU D 46 -34.44 -15.79 -17.27
N ASN D 47 -33.13 -16.03 -17.19
CA ASN D 47 -32.51 -17.24 -17.70
C ASN D 47 -32.42 -18.33 -16.64
N LEU D 48 -33.00 -18.11 -15.47
CA LEU D 48 -32.99 -19.13 -14.43
C LEU D 48 -33.76 -20.36 -14.88
N ARG D 49 -33.33 -21.52 -14.38
CA ARG D 49 -34.06 -22.76 -14.68
C ARG D 49 -35.44 -22.73 -14.05
N LYS D 50 -35.58 -22.07 -12.91
CA LYS D 50 -36.87 -21.87 -12.26
C LYS D 50 -37.15 -20.37 -12.27
N LYS D 51 -37.95 -19.92 -13.23
CA LYS D 51 -38.20 -18.49 -13.41
C LYS D 51 -39.02 -17.95 -12.25
N PRO D 52 -38.69 -16.75 -11.75
CA PRO D 52 -39.45 -16.18 -10.64
C PRO D 52 -40.83 -15.70 -11.09
N GLU D 53 -41.65 -15.38 -10.09
CA GLU D 53 -43.03 -15.00 -10.37
C GLU D 53 -43.19 -13.48 -10.48
N ASN D 54 -42.46 -12.73 -9.67
CA ASN D 54 -42.56 -11.27 -9.65
C ASN D 54 -41.21 -10.67 -9.98
N ILE D 55 -40.92 -10.53 -11.27
CA ILE D 55 -39.65 -9.98 -11.74
C ILE D 55 -39.70 -8.46 -11.64
N PRO D 56 -38.76 -7.83 -10.96
CA PRO D 56 -38.79 -6.36 -10.83
C PRO D 56 -38.50 -5.67 -12.16
N GLN D 57 -39.02 -4.44 -12.28
CA GLN D 57 -38.86 -3.63 -13.47
C GLN D 57 -37.51 -2.93 -13.48
N PRO D 58 -36.94 -2.70 -14.67
CA PRO D 58 -35.62 -2.07 -14.74
C PRO D 58 -35.68 -0.56 -14.68
N ILE D 59 -34.52 0.10 -14.77
CA ILE D 59 -34.47 1.55 -14.77
C ILE D 59 -35.09 2.10 -16.05
N SER D 60 -35.84 3.18 -15.91
CA SER D 60 -36.40 3.84 -17.08
C SER D 60 -35.32 4.54 -17.89
N ASN D 61 -35.56 4.68 -19.19
CA ASN D 61 -34.61 5.38 -20.04
C ASN D 61 -34.50 6.85 -19.67
N THR D 62 -35.54 7.41 -19.04
CA THR D 62 -35.53 8.83 -18.70
C THR D 62 -34.46 9.14 -17.67
N SER D 63 -34.32 8.29 -16.65
CA SER D 63 -33.37 8.58 -15.58
C SER D 63 -31.93 8.45 -16.02
N ARG D 64 -31.65 7.57 -16.98
CA ARG D 64 -30.27 7.30 -17.37
C ARG D 64 -29.62 8.52 -18.01
N ALA D 65 -30.34 9.21 -18.89
CA ALA D 65 -29.80 10.42 -19.50
C ALA D 65 -29.54 11.49 -18.45
N ASN D 66 -30.44 11.62 -17.49
CA ASN D 66 -30.25 12.59 -16.41
C ASN D 66 -28.99 12.27 -15.61
N LEU D 67 -28.80 11.00 -15.27
CA LEU D 67 -27.58 10.61 -14.55
C LEU D 67 -26.32 10.93 -15.35
N ASN D 68 -26.31 10.57 -16.64
CA ASN D 68 -25.11 10.80 -17.44
C ASN D 68 -24.80 12.29 -17.54
N LYS D 69 -25.81 13.10 -17.87
CA LYS D 69 -25.59 14.54 -18.00
C LYS D 69 -25.12 15.15 -16.68
N LEU D 70 -25.73 14.74 -15.57
CA LEU D 70 -25.41 15.39 -14.31
C LEU D 70 -24.02 14.97 -13.82
N LEU D 71 -23.64 13.71 -14.03
CA LEU D 71 -22.28 13.28 -13.70
C LEU D 71 -21.24 14.00 -14.56
N THR D 72 -21.51 14.17 -15.86
CA THR D 72 -20.58 14.90 -16.71
C THR D 72 -20.41 16.34 -16.21
N ASP D 73 -21.52 17.01 -15.91
CA ASP D 73 -21.44 18.38 -15.41
C ASP D 73 -20.68 18.44 -14.08
N TYR D 74 -20.91 17.45 -13.21
CA TYR D 74 -20.20 17.39 -11.93
C TYR D 74 -18.70 17.31 -12.14
N THR D 75 -18.27 16.42 -13.04
CA THR D 75 -16.84 16.29 -13.30
C THR D 75 -16.26 17.59 -13.85
N GLU D 76 -16.95 18.21 -14.79
CA GLU D 76 -16.43 19.46 -15.36
C GLU D 76 -16.31 20.55 -14.29
N MET D 77 -17.31 20.66 -13.41
CA MET D 77 -17.26 21.67 -12.37
C MET D 77 -16.09 21.43 -11.42
N LYS D 78 -15.89 20.16 -11.01
CA LYS D 78 -14.79 19.85 -10.12
C LYS D 78 -13.45 20.18 -10.76
N LYS D 79 -13.30 19.85 -12.04
CA LYS D 79 -12.05 20.16 -12.74
C LYS D 79 -11.82 21.67 -12.80
N ALA D 80 -12.88 22.44 -13.06
CA ALA D 80 -12.73 23.90 -13.14
C ALA D 80 -12.26 24.47 -11.81
N ILE D 81 -12.90 24.06 -10.71
CA ILE D 81 -12.49 24.55 -9.40
C ILE D 81 -11.05 24.17 -9.09
N LEU D 82 -10.67 22.92 -9.41
CA LEU D 82 -9.30 22.49 -9.14
C LEU D 82 -8.31 23.31 -9.95
N HIS D 83 -8.63 23.61 -11.21
CA HIS D 83 -7.75 24.45 -12.02
C HIS D 83 -7.58 25.83 -11.42
N VAL D 84 -8.68 26.44 -10.97
CA VAL D 84 -8.61 27.78 -10.40
C VAL D 84 -7.72 27.78 -9.16
N TYR D 85 -7.94 26.82 -8.25
CA TYR D 85 -7.13 26.79 -7.04
C TYR D 85 -5.68 26.41 -7.33
N TRP D 86 -5.44 25.62 -8.38
CA TRP D 86 -4.07 25.32 -8.76
C TRP D 86 -3.34 26.58 -9.20
N GLU D 87 -4.01 27.41 -10.01
CA GLU D 87 -3.40 28.68 -10.40
C GLU D 87 -3.14 29.56 -9.20
N GLU D 88 -4.10 29.63 -8.27
CA GLU D 88 -3.91 30.46 -7.09
C GLU D 88 -2.73 29.97 -6.26
N PHE D 89 -2.60 28.65 -6.07
CA PHE D 89 -1.48 28.12 -5.32
C PHE D 89 -0.15 28.38 -6.02
N GLN D 90 -0.11 28.20 -7.34
CA GLN D 90 1.11 28.50 -8.08
C GLN D 90 1.47 29.98 -8.02
N LYS D 91 0.48 30.83 -7.73
CA LYS D 91 0.79 32.24 -7.48
C LYS D 91 1.46 32.43 -6.12
N ASP D 92 0.77 32.04 -5.03
CA ASP D 92 1.29 32.24 -3.69
C ASP D 92 1.03 31.01 -2.81
N PRO D 93 2.06 30.25 -2.48
CA PRO D 93 1.87 29.07 -1.61
C PRO D 93 1.51 29.42 -0.18
N VAL D 94 2.28 30.33 0.43
CA VAL D 94 2.12 30.62 1.85
C VAL D 94 0.75 31.21 2.12
N GLY D 95 0.28 32.10 1.25
CA GLY D 95 -1.04 32.65 1.42
C GLY D 95 -2.13 31.59 1.43
N LEU D 96 -2.08 30.66 0.47
CA LEU D 96 -3.08 29.62 0.40
C LEU D 96 -3.02 28.73 1.64
N MET D 97 -1.83 28.28 2.02
CA MET D 97 -1.72 27.40 3.18
C MET D 97 -2.10 28.11 4.46
N SER D 98 -2.03 29.44 4.49
CA SER D 98 -2.56 30.19 5.62
C SER D 98 -4.06 30.42 5.51
N ARG D 99 -4.64 30.21 4.33
CA ARG D 99 -6.09 30.37 4.16
C ARG D 99 -6.87 29.11 4.47
N VAL D 100 -6.21 27.96 4.62
CA VAL D 100 -6.91 26.69 4.76
C VAL D 100 -6.85 26.19 6.20
N ALA D 101 -6.35 27.03 7.11
CA ALA D 101 -6.16 26.61 8.48
C ALA D 101 -7.49 26.35 9.17
N GLN D 102 -7.47 25.49 10.17
CA GLN D 102 -8.66 25.16 10.94
C GLN D 102 -8.63 25.85 12.28
N PRO D 103 -9.49 26.84 12.54
CA PRO D 103 -9.54 27.46 13.86
C PRO D 103 -10.12 26.53 14.90
N ALA D 104 -9.82 26.85 16.15
CA ALA D 104 -10.37 26.13 17.28
C ALA D 104 -11.87 26.42 17.41
N PRO D 105 -12.62 25.54 18.07
CA PRO D 105 -14.05 25.80 18.25
C PRO D 105 -14.28 27.10 19.01
N LYS D 106 -15.34 27.82 18.66
CA LYS D 106 -15.61 29.10 19.29
C LYS D 106 -16.25 28.96 20.65
N ASN D 107 -15.67 28.09 21.48
CA ASN D 107 -16.01 27.98 22.89
C ASN D 107 -14.77 27.98 23.77
N ILE D 108 -13.58 27.96 23.19
CA ILE D 108 -12.34 27.99 23.93
C ILE D 108 -12.01 29.45 24.20
N ASP D 109 -12.66 30.01 25.22
CA ASP D 109 -12.46 31.40 25.63
C ASP D 109 -11.95 31.45 27.05
N GLN D 110 -11.29 30.37 27.48
CA GLN D 110 -10.64 30.38 28.78
C GLN D 110 -9.55 31.44 28.79
N ARG D 111 -9.34 32.03 29.97
CA ARG D 111 -8.48 33.21 30.08
C ARG D 111 -7.06 32.90 29.64
N LYS D 112 -6.63 33.52 28.54
CA LYS D 112 -5.25 33.38 28.09
C LYS D 112 -4.32 33.96 29.13
N LEU D 113 -3.23 33.24 29.42
CA LEU D 113 -2.35 33.56 30.53
C LEU D 113 -1.02 34.13 30.11
N ILE D 114 -0.34 33.52 29.14
CA ILE D 114 0.99 33.95 28.72
C ILE D 114 1.00 34.16 27.20
N PRO D 115 1.14 35.39 26.72
CA PRO D 115 1.39 35.58 25.28
C PRO D 115 2.82 35.19 24.92
N VAL D 116 3.24 35.48 23.69
CA VAL D 116 4.60 35.21 23.28
C VAL D 116 5.56 36.07 24.10
N LYS D 117 6.75 35.54 24.37
CA LYS D 117 7.77 36.25 25.13
C LYS D 117 8.88 36.77 24.23
N SER D 125 7.15 35.03 17.62
CA SER D 125 6.00 35.92 17.79
C SER D 125 5.29 36.15 16.47
N SER D 126 6.02 35.94 15.38
CA SER D 126 5.52 36.18 14.03
C SER D 126 5.45 34.88 13.22
N GLY D 127 4.91 33.83 13.83
CA GLY D 127 4.92 32.52 13.19
C GLY D 127 4.17 32.51 11.88
N PHE D 128 2.96 33.09 11.85
CA PHE D 128 2.14 33.09 10.65
C PHE D 128 1.38 34.41 10.60
N ALA D 129 0.47 34.51 9.63
CA ALA D 129 -0.31 35.73 9.44
C ALA D 129 -1.62 35.38 8.75
N CYS D 130 -2.71 35.97 9.24
CA CYS D 130 -4.00 35.83 8.57
C CYS D 130 -4.08 36.79 7.39
N SER D 131 -4.62 36.30 6.27
CA SER D 131 -4.56 37.06 5.03
C SER D 131 -5.56 38.22 4.97
N GLN D 132 -6.60 38.20 5.82
CA GLN D 132 -7.63 39.22 5.73
C GLN D 132 -7.07 40.60 6.01
N CYS D 133 -6.25 40.73 7.05
CA CYS D 133 -5.61 42.00 7.39
C CYS D 133 -4.12 42.00 7.10
N CYS D 134 -3.58 40.89 6.59
CA CYS D 134 -2.16 40.78 6.24
C CYS D 134 -1.25 41.12 7.43
N GLN D 135 -1.75 40.88 8.64
CA GLN D 135 -0.99 41.16 9.84
C GLN D 135 -0.48 39.86 10.45
N PRO D 136 0.73 39.86 11.01
CA PRO D 136 1.26 38.62 11.59
C PRO D 136 0.44 38.18 12.79
N LEU D 137 0.37 36.87 12.97
CA LEU D 137 -0.38 36.27 14.07
C LEU D 137 0.54 36.11 15.27
N TYR D 138 0.04 36.44 16.45
CA TYR D 138 0.83 36.35 17.66
C TYR D 138 0.48 35.10 18.45
N VAL D 139 1.50 34.51 19.07
CA VAL D 139 1.39 33.20 19.69
C VAL D 139 0.92 33.34 21.13
N TYR D 140 0.01 32.45 21.54
CA TYR D 140 -0.47 32.38 22.90
C TYR D 140 -0.44 30.93 23.36
N LYS D 141 -0.05 30.71 24.61
CA LYS D 141 0.13 29.37 25.14
C LYS D 141 -0.91 29.06 26.20
N LEU D 142 -0.99 27.78 26.56
CA LEU D 142 -1.88 27.31 27.62
C LEU D 142 -1.45 25.90 28.01
N GLU D 143 -1.35 25.66 29.32
CA GLU D 143 -0.97 24.36 29.85
C GLU D 143 -2.14 23.75 30.59
N GLN D 144 -2.49 22.52 30.23
CA GLN D 144 -3.62 21.81 30.81
C GLN D 144 -3.18 20.45 31.30
N VAL D 145 -3.86 19.96 32.33
CA VAL D 145 -3.59 18.64 32.90
C VAL D 145 -4.78 17.74 32.56
N ASN D 146 -4.49 16.56 32.00
CA ASN D 146 -5.52 15.66 31.52
C ASN D 146 -5.90 14.63 32.57
N ASP D 147 -6.63 13.60 32.14
CA ASP D 147 -7.01 12.52 33.06
C ASP D 147 -5.80 11.76 33.57
N LYS D 148 -4.81 11.53 32.72
CA LYS D 148 -3.61 10.78 33.09
C LYS D 148 -2.54 11.65 33.75
N GLY D 149 -2.79 12.95 33.90
CA GLY D 149 -1.86 13.83 34.55
C GLY D 149 -0.73 14.34 33.69
N LYS D 150 -0.66 13.92 32.43
CA LYS D 150 0.39 14.39 31.53
C LYS D 150 -0.01 15.73 30.93
N PRO D 151 0.77 16.80 31.14
CA PRO D 151 0.40 18.10 30.59
C PRO D 151 1.04 18.37 29.24
N HIS D 152 0.27 19.00 28.36
CA HIS D 152 0.75 19.43 27.05
C HIS D 152 0.37 20.89 26.83
N THR D 153 1.20 21.59 26.06
CA THR D 153 1.02 23.00 25.79
C THR D 153 0.51 23.20 24.38
N ASN D 154 -0.52 24.03 24.23
CA ASN D 154 -1.12 24.31 22.94
C ASN D 154 -0.74 25.71 22.48
N TYR D 155 -0.30 25.81 21.23
CA TYR D 155 0.15 27.06 20.63
C TYR D 155 -0.93 27.55 19.67
N PHE D 156 -1.37 28.79 19.88
CA PHE D 156 -2.49 29.35 19.13
C PHE D 156 -2.05 30.63 18.43
N GLY D 157 -2.76 30.97 17.36
CA GLY D 157 -2.48 32.17 16.61
C GLY D 157 -3.65 33.13 16.60
N ARG D 158 -3.43 34.35 17.08
CA ARG D 158 -4.49 35.35 17.19
C ARG D 158 -3.97 36.69 16.71
N CYS D 159 -4.79 37.41 15.96
CA CYS D 159 -4.45 38.72 15.45
C CYS D 159 -4.86 39.80 16.45
N ASN D 160 -4.54 41.04 16.11
CA ASN D 160 -4.89 42.18 16.94
C ASN D 160 -6.21 42.83 16.54
N VAL D 161 -6.71 42.55 15.35
CA VAL D 161 -7.97 43.12 14.89
C VAL D 161 -9.11 42.25 15.41
N SER D 162 -10.15 42.90 15.98
CA SER D 162 -11.26 42.17 16.55
C SER D 162 -11.93 41.28 15.50
N GLU D 163 -12.02 41.76 14.27
CA GLU D 163 -12.60 40.95 13.19
C GLU D 163 -11.73 39.75 12.86
N HIS D 164 -10.49 39.71 13.34
CA HIS D 164 -9.54 38.66 12.97
C HIS D 164 -8.95 37.98 14.20
N GLU D 165 -9.62 38.08 15.35
CA GLU D 165 -9.11 37.51 16.60
C GLU D 165 -9.62 36.09 16.77
N ARG D 166 -9.02 35.18 16.00
CA ARG D 166 -9.37 33.77 16.01
C ARG D 166 -8.33 32.97 16.79
N LEU D 167 -8.57 31.67 16.91
CA LEU D 167 -7.71 30.82 17.72
C LEU D 167 -7.06 29.74 16.85
N ILE D 168 -6.50 30.15 15.72
CA ILE D 168 -5.80 29.23 14.84
C ILE D 168 -4.70 28.53 15.62
N LEU D 169 -4.77 27.20 15.65
CA LEU D 169 -3.80 26.42 16.41
C LEU D 169 -2.46 26.35 15.67
N LEU D 170 -1.39 26.21 16.45
CA LEU D 170 -0.05 26.03 15.92
C LEU D 170 0.60 24.81 16.55
N SER D 171 1.63 24.29 15.88
CA SER D 171 2.42 23.19 16.39
C SER D 171 3.87 23.63 16.48
N PRO D 172 4.48 23.63 17.67
CA PRO D 172 5.86 24.11 17.80
C PRO D 172 6.87 23.09 17.31
N HIS D 173 8.11 23.54 17.20
CA HIS D 173 9.22 22.69 16.79
C HIS D 173 10.48 23.12 17.53
N LYS D 174 11.42 22.18 17.65
CA LYS D 174 12.67 22.45 18.36
C LYS D 174 13.68 23.11 17.46
N THR D 183 10.10 27.86 12.81
CA THR D 183 10.18 26.98 13.97
C THR D 183 8.79 26.68 14.52
N TYR D 184 7.79 26.78 13.65
CA TYR D 184 6.41 26.48 14.00
C TYR D 184 5.68 25.94 12.78
N SER D 185 4.59 25.23 13.03
CA SER D 185 3.77 24.66 11.97
C SER D 185 2.31 24.78 12.35
N LEU D 186 1.44 24.61 11.35
CA LEU D 186 0.02 24.92 11.52
C LEU D 186 -0.70 23.87 12.35
N GLY D 187 -0.75 22.62 11.87
CA GLY D 187 -1.27 21.56 12.70
C GLY D 187 -2.50 20.83 12.19
N LYS D 188 -3.42 21.53 11.55
CA LYS D 188 -4.67 20.90 11.11
C LYS D 188 -5.30 21.71 10.00
N PHE D 189 -5.67 21.04 8.90
CA PHE D 189 -6.34 21.66 7.77
C PHE D 189 -7.74 21.06 7.65
N GLY D 190 -8.76 21.88 7.80
CA GLY D 190 -10.12 21.42 7.67
C GLY D 190 -10.73 21.72 6.31
N GLN D 191 -11.78 20.97 5.97
CA GLN D 191 -12.46 21.15 4.70
C GLN D 191 -13.59 22.17 4.77
N ARG D 192 -14.12 22.45 5.95
CA ARG D 192 -15.20 23.42 6.11
C ARG D 192 -14.71 24.76 6.62
N ALA D 193 -13.40 24.98 6.68
CA ALA D 193 -12.87 26.27 7.12
C ALA D 193 -13.17 27.36 6.10
N LEU D 194 -12.89 27.10 4.83
CA LEU D 194 -13.10 28.09 3.79
C LEU D 194 -14.57 28.12 3.38
N ASP D 195 -15.09 29.33 3.18
CA ASP D 195 -16.50 29.52 2.83
C ASP D 195 -16.66 29.39 1.32
N PHE D 196 -16.66 28.14 0.85
CA PHE D 196 -16.69 27.87 -0.58
C PHE D 196 -17.97 28.38 -1.22
N TYR D 197 -19.11 28.18 -0.56
CA TYR D 197 -20.40 28.52 -1.16
C TYR D 197 -20.52 30.01 -1.43
N SER D 198 -20.12 30.83 -0.45
CA SER D 198 -20.28 32.28 -0.56
C SER D 198 -19.32 32.90 -1.58
N ILE D 199 -18.34 32.15 -2.06
CA ILE D 199 -17.35 32.69 -2.99
C ILE D 199 -17.49 32.14 -4.40
N HIS D 200 -18.08 30.95 -4.57
CA HIS D 200 -18.11 30.31 -5.87
C HIS D 200 -19.50 29.85 -6.31
N VAL D 201 -20.54 30.09 -5.52
CA VAL D 201 -21.89 29.65 -5.85
C VAL D 201 -22.88 30.81 -5.85
N THR D 202 -22.93 31.56 -4.76
CA THR D 202 -23.95 32.59 -4.60
C THR D 202 -23.75 33.70 -5.64
N ARG D 203 -24.87 34.31 -6.05
CA ARG D 203 -24.84 35.31 -7.11
C ARG D 203 -24.15 36.60 -6.68
N GLU D 204 -24.05 36.86 -5.38
CA GLU D 204 -23.39 38.08 -4.92
C GLU D 204 -21.91 38.10 -5.29
N SER D 205 -21.26 36.95 -5.30
CA SER D 205 -19.84 36.89 -5.59
C SER D 205 -19.57 37.29 -7.04
N ASN D 206 -18.47 38.03 -7.23
CA ASN D 206 -18.04 38.47 -8.56
C ASN D 206 -16.86 37.67 -9.08
N HIS D 207 -16.62 36.48 -8.53
CA HIS D 207 -15.54 35.64 -9.03
C HIS D 207 -15.83 35.23 -10.47
N PRO D 208 -14.81 35.28 -11.35
CA PRO D 208 -15.06 34.98 -12.77
C PRO D 208 -15.48 33.54 -13.05
N VAL D 209 -15.37 32.64 -12.09
CA VAL D 209 -15.67 31.22 -12.31
C VAL D 209 -16.88 30.85 -11.47
N LYS D 210 -18.00 30.56 -12.15
CA LYS D 210 -19.23 30.09 -11.52
C LYS D 210 -19.71 28.89 -12.31
N PRO D 211 -19.14 27.71 -12.05
CA PRO D 211 -19.43 26.54 -12.89
C PRO D 211 -20.90 26.15 -12.91
N LEU D 212 -21.62 26.31 -11.80
CA LEU D 212 -23.06 26.05 -11.82
C LEU D 212 -23.76 27.01 -12.76
N GLU D 213 -23.30 28.26 -12.80
CA GLU D 213 -23.85 29.21 -13.76
C GLU D 213 -23.36 28.95 -15.17
N GLN D 214 -22.12 28.48 -15.31
CA GLN D 214 -21.49 28.32 -16.63
C GLN D 214 -21.55 26.88 -17.14
N ILE D 215 -20.99 25.93 -16.38
CA ILE D 215 -20.93 24.55 -16.85
C ILE D 215 -22.32 23.92 -16.82
N GLY D 216 -23.06 24.12 -15.74
CA GLY D 216 -24.35 23.47 -15.58
C GLY D 216 -25.46 24.04 -16.45
N GLY D 217 -25.25 25.21 -17.05
CA GLY D 217 -26.28 25.81 -17.86
C GLY D 217 -27.49 26.28 -17.09
N ASN D 218 -27.32 26.58 -15.80
CA ASN D 218 -28.41 27.07 -14.95
C ASN D 218 -29.60 26.12 -14.96
N SER D 219 -29.33 24.81 -14.89
CA SER D 219 -30.36 23.79 -14.92
C SER D 219 -30.50 23.02 -13.62
N CYS D 220 -29.48 23.02 -12.77
CA CYS D 220 -29.47 22.22 -11.56
C CYS D 220 -29.67 23.10 -10.33
N ALA D 221 -30.15 22.48 -9.25
CA ALA D 221 -30.37 23.19 -8.01
C ALA D 221 -29.04 23.68 -7.43
N SER D 222 -29.10 24.80 -6.71
CA SER D 222 -27.87 25.42 -6.23
C SER D 222 -27.37 24.75 -4.95
N GLY D 223 -28.23 24.64 -3.94
CA GLY D 223 -27.81 24.29 -2.61
C GLY D 223 -27.05 22.99 -2.47
N PRO D 224 -27.73 21.86 -2.71
CA PRO D 224 -27.06 20.57 -2.52
C PRO D 224 -25.85 20.36 -3.42
N VAL D 225 -25.95 20.73 -4.69
CA VAL D 225 -24.83 20.51 -5.61
C VAL D 225 -23.62 21.33 -5.17
N GLY D 226 -23.85 22.60 -4.84
CA GLY D 226 -22.74 23.43 -4.38
C GLY D 226 -22.14 22.93 -3.08
N LYS D 227 -22.99 22.53 -2.13
CA LYS D 227 -22.48 22.06 -0.85
C LYS D 227 -21.67 20.77 -1.01
N ALA D 228 -22.06 19.91 -1.96
CA ALA D 228 -21.29 18.70 -2.20
C ALA D 228 -19.96 19.02 -2.86
N LEU D 229 -19.98 19.86 -3.90
CA LEU D 229 -18.76 20.20 -4.61
C LEU D 229 -17.76 20.89 -3.69
N SER D 230 -18.26 21.66 -2.72
CA SER D 230 -17.44 22.36 -1.76
C SER D 230 -16.52 21.39 -1.04
N ASP D 231 -17.12 20.45 -0.30
CA ASP D 231 -16.31 19.50 0.46
C ASP D 231 -15.51 18.58 -0.45
N ALA D 232 -16.03 18.26 -1.63
CA ALA D 232 -15.29 17.41 -2.55
C ALA D 232 -13.96 18.04 -2.93
N CYS D 233 -13.96 19.35 -3.22
CA CYS D 233 -12.69 20.02 -3.53
C CYS D 233 -11.84 20.25 -2.28
N MET D 234 -12.48 20.65 -1.18
CA MET D 234 -11.72 21.04 0.01
C MET D 234 -10.97 19.86 0.61
N GLY D 235 -11.57 18.66 0.60
CA GLY D 235 -10.85 17.51 1.12
C GLY D 235 -9.55 17.25 0.40
N ALA D 236 -9.59 17.28 -0.94
CA ALA D 236 -8.40 17.02 -1.72
C ALA D 236 -7.34 18.09 -1.50
N VAL D 237 -7.76 19.37 -1.52
CA VAL D 237 -6.75 20.42 -1.37
C VAL D 237 -6.15 20.40 0.02
N ALA D 238 -6.97 20.14 1.05
CA ALA D 238 -6.45 20.08 2.40
C ALA D 238 -5.49 18.92 2.57
N SER D 239 -5.80 17.76 1.97
CA SER D 239 -4.89 16.63 2.05
C SER D 239 -3.55 16.95 1.40
N PHE D 240 -3.59 17.57 0.22
CA PHE D 240 -2.33 17.92 -0.45
C PHE D 240 -1.52 18.89 0.38
N LEU D 241 -2.17 19.90 0.95
CA LEU D 241 -1.43 20.90 1.72
C LEU D 241 -0.85 20.28 3.00
N THR D 242 -1.60 19.36 3.63
CA THR D 242 -1.06 18.67 4.79
C THR D 242 0.17 17.87 4.43
N LYS D 243 0.13 17.17 3.30
CA LYS D 243 1.30 16.40 2.87
C LYS D 243 2.50 17.30 2.62
N TYR D 244 2.27 18.44 1.97
CA TYR D 244 3.36 19.38 1.69
C TYR D 244 3.98 19.90 2.97
N GLN D 245 3.13 20.34 3.92
CA GLN D 245 3.64 20.87 5.17
C GLN D 245 4.38 19.81 5.98
N ASP D 246 3.93 18.55 5.88
CA ASP D 246 4.63 17.47 6.58
C ASP D 246 6.00 17.22 5.96
N ILE D 247 6.09 17.24 4.63
CA ILE D 247 7.35 16.87 3.98
C ILE D 247 8.38 17.99 3.98
N ILE D 248 7.94 19.24 4.18
CA ILE D 248 8.89 20.35 4.10
C ILE D 248 9.97 20.26 5.17
N LEU D 249 9.71 19.56 6.27
CA LEU D 249 10.70 19.38 7.32
C LEU D 249 11.58 18.16 7.08
N GLU D 250 10.99 17.08 6.57
CA GLU D 250 11.78 15.89 6.27
C GLU D 250 12.80 16.17 5.18
N HIS D 251 12.44 17.01 4.20
CA HIS D 251 13.45 17.42 3.21
C HIS D 251 14.61 18.16 3.87
N GLN D 252 14.32 19.06 4.81
CA GLN D 252 15.39 19.77 5.50
C GLN D 252 16.30 18.81 6.26
N LYS D 253 15.69 17.83 6.94
CA LYS D 253 16.49 16.84 7.65
C LYS D 253 17.38 16.05 6.70
N VAL D 254 16.83 15.64 5.55
CA VAL D 254 17.63 14.88 4.59
C VAL D 254 18.76 15.73 4.04
N ILE D 255 18.51 17.02 3.79
CA ILE D 255 19.55 17.89 3.26
C ILE D 255 20.68 18.03 4.27
N LYS D 256 20.34 18.30 5.53
CA LYS D 256 21.39 18.48 6.54
C LYS D 256 22.16 17.19 6.76
N LYS D 257 21.49 16.04 6.66
CA LYS D 257 22.20 14.77 6.80
C LYS D 257 23.13 14.52 5.61
N ASN D 258 22.64 14.75 4.40
CA ASN D 258 23.40 14.40 3.20
C ASN D 258 24.56 15.36 2.95
N GLU D 259 24.49 16.59 3.47
CA GLU D 259 25.56 17.54 3.22
C GLU D 259 26.89 17.06 3.80
N LYS D 260 26.86 16.50 5.00
CA LYS D 260 28.10 16.03 5.63
C LYS D 260 28.72 14.88 4.85
N ARG D 261 27.89 13.97 4.32
CA ARG D 261 28.41 12.79 3.65
C ARG D 261 29.24 13.16 2.43
N LEU D 262 28.96 14.30 1.80
CA LEU D 262 29.70 14.68 0.60
C LEU D 262 31.18 14.89 0.91
N ALA D 263 31.48 15.51 2.05
CA ALA D 263 32.87 15.72 2.42
C ALA D 263 33.59 14.40 2.66
N ASN D 264 32.93 13.44 3.29
CA ASN D 264 33.53 12.13 3.54
C ASN D 264 33.88 11.45 2.22
N LEU D 265 32.95 11.47 1.26
CA LEU D 265 33.25 10.97 -0.07
C LEU D 265 34.37 11.77 -0.72
N LYS D 266 34.34 13.09 -0.55
CA LYS D 266 35.40 13.94 -1.09
C LYS D 266 36.74 13.60 -0.45
N ASP D 267 36.74 13.37 0.87
CA ASP D 267 37.98 13.01 1.56
C ASP D 267 38.52 11.68 1.06
N ILE D 268 37.64 10.69 0.89
CA ILE D 268 38.09 9.37 0.46
C ILE D 268 38.62 9.42 -0.98
N ALA D 269 37.92 10.13 -1.87
CA ALA D 269 38.39 10.25 -3.24
C ALA D 269 39.71 11.02 -3.31
N SER D 270 39.84 12.09 -2.53
CA SER D 270 41.07 12.87 -2.54
C SER D 270 42.23 12.11 -1.94
N ALA D 271 41.95 11.11 -1.10
CA ALA D 271 43.02 10.33 -0.48
C ALA D 271 43.87 9.61 -1.51
N ASN D 272 43.32 9.34 -2.70
CA ASN D 272 44.06 8.71 -3.78
C ASN D 272 44.25 9.63 -4.98
N GLY D 273 44.10 10.94 -4.79
CA GLY D 273 44.26 11.88 -5.89
C GLY D 273 43.25 11.73 -7.00
N LEU D 274 41.97 11.56 -6.66
CA LEU D 274 40.92 11.41 -7.65
C LEU D 274 40.35 12.77 -8.02
N ALA D 275 40.08 12.96 -9.31
CA ALA D 275 39.49 14.20 -9.81
C ALA D 275 37.98 14.09 -9.65
N PHE D 276 37.40 14.95 -8.83
CA PHE D 276 35.97 14.88 -8.62
C PHE D 276 35.27 16.05 -9.29
N PRO D 277 34.13 15.79 -9.94
CA PRO D 277 33.42 16.87 -10.63
C PRO D 277 32.98 17.97 -9.67
N LYS D 278 32.97 19.20 -10.17
CA LYS D 278 32.67 20.36 -9.34
C LYS D 278 31.24 20.81 -9.64
N ILE D 279 30.29 20.20 -8.94
CA ILE D 279 28.89 20.58 -8.99
C ILE D 279 28.39 20.76 -7.56
N THR D 280 27.61 21.80 -7.34
CA THR D 280 27.12 22.15 -6.01
C THR D 280 25.75 21.55 -5.77
N LEU D 281 25.27 21.70 -4.53
CA LEU D 281 23.97 21.19 -4.15
C LEU D 281 22.98 22.33 -4.03
N PRO D 282 21.92 22.38 -4.85
CA PRO D 282 20.94 23.45 -4.70
C PRO D 282 20.22 23.35 -3.37
N PRO D 283 19.73 24.47 -2.83
CA PRO D 283 19.03 24.42 -1.55
C PRO D 283 17.67 23.74 -1.65
N GLN D 284 16.93 23.72 -0.55
CA GLN D 284 15.66 23.00 -0.49
C GLN D 284 14.67 23.60 -1.49
N PRO D 285 14.15 22.82 -2.43
CA PRO D 285 13.17 23.36 -3.37
C PRO D 285 11.77 23.40 -2.76
N HIS D 286 10.95 24.28 -3.33
CA HIS D 286 9.54 24.38 -2.98
C HIS D 286 8.63 24.02 -4.14
N THR D 287 9.19 23.57 -5.25
CA THR D 287 8.44 23.11 -6.41
C THR D 287 8.81 21.65 -6.68
N LYS D 288 8.37 21.15 -7.84
CA LYS D 288 8.78 19.82 -8.27
C LYS D 288 10.01 19.84 -9.16
N GLU D 289 10.28 20.97 -9.81
CA GLU D 289 11.42 21.04 -10.73
C GLU D 289 12.74 21.11 -9.98
N GLY D 290 12.79 21.88 -8.88
CA GLY D 290 13.98 21.89 -8.05
C GLY D 290 14.26 20.53 -7.44
N ILE D 291 13.20 19.79 -7.12
CA ILE D 291 13.35 18.41 -6.66
C ILE D 291 14.04 17.59 -7.74
N GLU D 292 13.60 17.75 -8.99
CA GLU D 292 14.19 17.01 -10.10
C GLU D 292 15.66 17.37 -10.29
N ALA D 293 15.99 18.65 -10.19
CA ALA D 293 17.39 19.08 -10.35
C ALA D 293 18.26 18.53 -9.22
N TYR D 294 17.78 18.61 -7.98
CA TYR D 294 18.56 18.08 -6.86
C TYR D 294 18.75 16.57 -6.99
N ASN D 295 17.71 15.86 -7.40
CA ASN D 295 17.84 14.42 -7.59
C ASN D 295 18.78 14.09 -8.75
N ASN D 296 18.79 14.91 -9.80
CA ASN D 296 19.74 14.70 -10.88
C ASN D 296 21.18 14.87 -10.39
N VAL D 297 21.42 15.90 -9.56
CA VAL D 297 22.75 16.09 -9.01
C VAL D 297 23.16 14.90 -8.15
N VAL D 298 22.24 14.43 -7.30
CA VAL D 298 22.55 13.31 -6.42
C VAL D 298 22.82 12.05 -7.24
N ALA D 299 22.03 11.82 -8.29
CA ALA D 299 22.25 10.66 -9.14
C ALA D 299 23.59 10.75 -9.85
N GLN D 300 23.97 11.94 -10.30
CA GLN D 300 25.29 12.10 -10.92
C GLN D 300 26.39 11.76 -9.93
N ILE D 301 26.26 12.24 -8.69
CA ILE D 301 27.27 11.95 -7.67
C ILE D 301 27.36 10.45 -7.42
N VAL D 302 26.21 9.78 -7.29
CA VAL D 302 26.19 8.36 -7.02
C VAL D 302 26.79 7.58 -8.18
N ILE D 303 26.49 7.98 -9.42
CA ILE D 303 27.04 7.31 -10.58
C ILE D 303 28.55 7.45 -10.60
N TRP D 304 29.06 8.65 -10.33
CA TRP D 304 30.50 8.85 -10.28
C TRP D 304 31.14 7.97 -9.20
N VAL D 305 30.52 7.93 -8.02
CA VAL D 305 31.07 7.14 -6.92
C VAL D 305 31.11 5.67 -7.30
N ASN D 306 30.02 5.15 -7.87
CA ASN D 306 30.02 3.75 -8.26
C ASN D 306 31.08 3.47 -9.31
N LEU D 307 31.24 4.39 -10.27
CA LEU D 307 32.18 4.16 -11.36
C LEU D 307 33.63 4.21 -10.89
N ASN D 308 33.93 5.03 -9.89
CA ASN D 308 35.33 5.27 -9.52
C ASN D 308 35.77 4.60 -8.22
N LEU D 309 34.93 4.56 -7.19
CA LEU D 309 35.33 4.16 -5.86
C LEU D 309 35.04 2.69 -5.57
N TRP D 310 33.79 2.27 -5.67
CA TRP D 310 33.42 0.91 -5.28
C TRP D 310 34.05 -0.13 -6.19
N GLN D 311 34.12 0.15 -7.48
CA GLN D 311 34.54 -0.86 -8.46
C GLN D 311 36.05 -0.84 -8.69
N LYS D 312 36.58 0.30 -9.14
CA LYS D 312 37.99 0.36 -9.51
C LYS D 312 38.90 0.23 -8.30
N LEU D 313 38.55 0.88 -7.19
CA LEU D 313 39.38 0.88 -6.00
C LEU D 313 38.94 -0.16 -4.97
N LYS D 314 37.97 -1.01 -5.32
CA LYS D 314 37.47 -2.09 -4.46
C LYS D 314 37.26 -1.64 -3.02
N ILE D 315 36.42 -0.62 -2.86
CA ILE D 315 36.09 -0.05 -1.56
C ILE D 315 34.67 -0.44 -1.20
N GLY D 316 34.47 -0.82 0.06
CA GLY D 316 33.15 -1.20 0.51
C GLY D 316 32.22 -0.01 0.65
N ARG D 317 30.92 -0.32 0.77
CA ARG D 317 29.91 0.73 0.81
C ARG D 317 29.84 1.45 2.14
N ASP D 318 30.11 0.77 3.25
CA ASP D 318 29.93 1.41 4.55
C ASP D 318 31.02 2.45 4.85
N GLU D 319 32.23 2.28 4.32
CA GLU D 319 33.24 3.31 4.49
C GLU D 319 32.86 4.58 3.73
N ALA D 320 32.32 4.42 2.52
CA ALA D 320 31.89 5.53 1.68
C ALA D 320 30.41 5.34 1.39
N LYS D 321 29.57 5.80 2.31
CA LYS D 321 28.13 5.58 2.23
C LYS D 321 27.52 6.47 1.14
N PRO D 322 26.53 5.96 0.41
CA PRO D 322 25.94 6.73 -0.68
C PRO D 322 25.04 7.85 -0.18
N LEU D 323 24.82 8.82 -1.06
CA LEU D 323 23.92 9.93 -0.77
C LEU D 323 22.47 9.50 -0.96
N GLN D 324 21.56 10.29 -0.39
CA GLN D 324 20.14 10.01 -0.45
C GLN D 324 19.43 10.99 -1.37
N ARG D 325 18.25 10.58 -1.82
CA ARG D 325 17.39 11.40 -2.66
C ARG D 325 16.29 12.06 -1.83
N LEU D 326 15.60 13.00 -2.44
CA LEU D 326 14.42 13.62 -1.85
C LEU D 326 13.18 12.93 -2.42
N LYS D 327 12.60 12.04 -1.63
CA LYS D 327 11.52 11.18 -2.08
C LYS D 327 10.21 11.53 -1.38
N GLY D 328 9.11 11.38 -2.12
CA GLY D 328 7.78 11.55 -1.57
C GLY D 328 7.14 12.90 -1.73
N PHE D 329 7.69 13.77 -2.58
CA PHE D 329 7.14 15.11 -2.74
C PHE D 329 5.76 15.03 -3.40
N PRO D 330 4.73 15.61 -2.80
CA PRO D 330 3.38 15.45 -3.35
C PRO D 330 3.14 16.30 -4.59
N SER D 331 1.89 16.32 -5.07
CA SER D 331 1.50 17.11 -6.21
C SER D 331 0.08 17.63 -6.01
N PHE D 332 -0.26 18.68 -6.73
CA PHE D 332 -1.60 19.24 -6.58
C PHE D 332 -2.59 18.35 -7.33
N PRO D 333 -3.78 18.11 -6.76
CA PRO D 333 -4.63 17.02 -7.26
C PRO D 333 -5.13 17.25 -8.68
N LEU D 334 -4.98 16.22 -9.51
CA LEU D 334 -5.72 16.01 -10.75
C LEU D 334 -5.32 16.96 -11.89
N VAL D 335 -4.54 17.99 -11.60
CA VAL D 335 -4.17 18.93 -12.65
C VAL D 335 -2.73 18.73 -13.12
N GLU D 336 -1.91 17.98 -12.38
CA GLU D 336 -0.57 17.67 -12.80
C GLU D 336 -0.45 16.28 -13.41
N ARG D 337 -1.55 15.56 -13.53
CA ARG D 337 -1.52 14.26 -14.18
C ARG D 337 -1.36 14.44 -15.68
N GLN D 338 -0.26 13.91 -16.21
CA GLN D 338 0.02 14.02 -17.64
C GLN D 338 -0.83 12.99 -18.37
N ALA D 339 -1.91 13.46 -19.02
CA ALA D 339 -2.76 12.58 -19.81
C ALA D 339 -2.14 12.47 -21.20
N ASN D 340 -1.12 11.61 -21.29
CA ASN D 340 -0.35 11.44 -22.52
C ASN D 340 -1.24 10.66 -23.50
N GLU D 341 -2.13 11.40 -24.14
CA GLU D 341 -3.05 10.84 -25.13
C GLU D 341 -2.37 10.92 -26.50
N VAL D 342 -1.85 9.80 -26.97
CA VAL D 342 -1.24 9.70 -28.29
C VAL D 342 -1.78 8.46 -28.97
N ASP D 343 -1.68 8.42 -30.29
CA ASP D 343 -2.15 7.28 -31.06
C ASP D 343 -1.00 6.34 -31.39
N TRP D 344 -1.31 5.05 -31.41
CA TRP D 344 -0.29 4.04 -31.66
C TRP D 344 0.28 4.17 -33.07
N TRP D 345 -0.60 4.31 -34.07
CA TRP D 345 -0.14 4.39 -35.45
C TRP D 345 0.68 5.65 -35.70
N ASP D 346 0.36 6.74 -35.00
CA ASP D 346 1.18 7.95 -35.15
C ASP D 346 2.61 7.70 -34.73
N MET D 347 2.80 7.08 -33.56
CA MET D 347 4.15 6.79 -33.09
C MET D 347 4.86 5.81 -34.01
N VAL D 348 4.12 4.81 -34.51
CA VAL D 348 4.70 3.87 -35.46
C VAL D 348 5.20 4.61 -36.70
N CYS D 349 4.38 5.53 -37.21
CA CYS D 349 4.76 6.29 -38.39
C CYS D 349 5.97 7.16 -38.14
N ASN D 350 6.03 7.78 -36.95
CA ASN D 350 7.21 8.58 -36.62
C ASN D 350 8.46 7.72 -36.60
N VAL D 351 8.38 6.54 -35.99
CA VAL D 351 9.54 5.64 -35.95
C VAL D 351 9.96 5.26 -37.35
N LYS D 352 9.01 4.88 -38.19
CA LYS D 352 9.33 4.45 -39.56
C LYS D 352 9.93 5.59 -40.37
N LYS D 353 9.41 6.80 -40.21
CA LYS D 353 9.93 7.94 -40.96
C LYS D 353 11.36 8.27 -40.52
N LEU D 354 11.59 8.32 -39.21
CA LEU D 354 12.92 8.69 -38.72
C LEU D 354 13.95 7.63 -39.07
N ILE D 355 13.59 6.34 -38.95
CA ILE D 355 14.56 5.30 -39.21
C ILE D 355 14.97 5.28 -40.68
N ASN D 356 14.05 5.58 -41.59
CA ASN D 356 14.37 5.58 -43.02
C ASN D 356 15.39 6.65 -43.38
N GLU D 357 15.53 7.69 -42.56
CA GLU D 357 16.47 8.77 -42.87
C GLU D 357 17.91 8.27 -42.89
N LYS D 358 18.26 7.40 -41.95
CA LYS D 358 19.64 7.04 -41.69
C LYS D 358 20.11 5.82 -42.49
N LYS D 359 19.59 5.63 -43.70
CA LYS D 359 20.04 4.49 -44.50
C LYS D 359 21.50 4.65 -44.94
N GLU D 360 21.83 5.80 -45.52
CA GLU D 360 23.10 5.95 -46.21
C GLU D 360 24.29 5.94 -45.25
N ASP D 361 24.14 6.54 -44.06
CA ASP D 361 25.28 6.61 -43.14
C ASP D 361 25.63 5.24 -42.59
N GLY D 362 24.62 4.47 -42.17
CA GLY D 362 24.86 3.10 -41.75
C GLY D 362 25.40 2.23 -42.87
N LYS D 363 24.86 2.41 -44.08
CA LYS D 363 25.38 1.69 -45.23
C LYS D 363 26.86 1.95 -45.42
N VAL D 364 27.25 3.23 -45.42
CA VAL D 364 28.65 3.60 -45.60
C VAL D 364 29.51 3.02 -44.48
N PHE D 365 29.03 3.12 -43.24
CA PHE D 365 29.81 2.63 -42.11
C PHE D 365 30.08 1.14 -42.24
N TRP D 366 29.04 0.33 -42.45
CA TRP D 366 29.25 -1.11 -42.57
C TRP D 366 30.08 -1.47 -43.80
N GLN D 367 29.85 -0.79 -44.92
CA GLN D 367 30.57 -1.17 -46.13
C GLN D 367 32.01 -0.68 -46.14
N ASN D 368 32.38 0.21 -45.21
CA ASN D 368 33.74 0.75 -45.15
C ASN D 368 34.41 0.50 -43.81
N LEU D 369 34.33 -0.73 -43.32
CA LEU D 369 35.04 -1.14 -42.11
C LEU D 369 36.23 -2.01 -42.45
N ALA D 370 37.10 -2.19 -41.46
CA ALA D 370 38.31 -3.01 -41.63
C ALA D 370 37.98 -4.46 -41.31
N GLY D 371 39.01 -5.28 -41.16
CA GLY D 371 38.82 -6.70 -40.97
C GLY D 371 38.42 -7.14 -39.57
N TYR D 372 39.29 -6.93 -38.59
CA TYR D 372 39.05 -7.52 -37.28
C TYR D 372 38.20 -6.64 -36.37
N LYS D 373 38.03 -5.35 -36.69
CA LYS D 373 37.08 -4.53 -35.95
C LYS D 373 35.65 -4.99 -36.14
N ARG D 374 35.36 -5.69 -37.23
CA ARG D 374 34.02 -6.22 -37.45
C ARG D 374 33.66 -7.24 -36.37
N GLN D 375 34.60 -8.10 -35.99
CA GLN D 375 34.32 -9.13 -34.99
C GLN D 375 33.92 -8.52 -33.66
N GLU D 376 34.62 -7.48 -33.21
CA GLU D 376 34.23 -6.80 -32.00
C GLU D 376 32.99 -5.93 -32.20
N ALA D 377 32.72 -5.50 -33.43
CA ALA D 377 31.54 -4.69 -33.69
C ALA D 377 30.26 -5.51 -33.50
N LEU D 378 30.22 -6.73 -34.02
CA LEU D 378 29.05 -7.58 -33.93
C LEU D 378 28.99 -8.35 -32.62
N LEU D 379 29.74 -7.92 -31.60
CA LEU D 379 29.64 -8.56 -30.29
C LEU D 379 28.23 -8.52 -29.71
N PRO D 380 27.51 -7.41 -29.71
CA PRO D 380 26.15 -7.43 -29.17
C PRO D 380 25.16 -8.24 -29.99
N TYR D 381 25.62 -8.89 -31.06
CA TYR D 381 24.74 -9.64 -31.96
C TYR D 381 24.93 -11.14 -31.84
N LEU D 382 25.61 -11.61 -30.81
CA LEU D 382 25.78 -13.03 -30.54
C LEU D 382 25.22 -13.34 -29.15
N SER D 383 24.42 -14.40 -29.07
CA SER D 383 23.81 -14.79 -27.81
C SER D 383 24.59 -15.93 -27.17
N SER D 384 24.66 -15.89 -25.84
CA SER D 384 25.36 -16.92 -25.09
C SER D 384 24.59 -18.23 -25.12
N GLU D 385 25.28 -19.32 -24.76
CA GLU D 385 24.66 -20.63 -24.80
C GLU D 385 23.54 -20.75 -23.77
N GLU D 386 23.71 -20.10 -22.61
CA GLU D 386 22.63 -20.06 -21.63
C GLU D 386 21.41 -19.34 -22.21
N ASP D 387 21.63 -18.23 -22.90
CA ASP D 387 20.52 -17.52 -23.53
C ASP D 387 19.88 -18.34 -24.64
N ARG D 388 20.69 -19.09 -25.39
CA ARG D 388 20.18 -19.83 -26.55
C ARG D 388 19.16 -20.89 -26.13
N LYS D 389 19.43 -21.60 -25.04
CA LYS D 389 18.61 -22.74 -24.66
C LYS D 389 17.28 -22.37 -24.03
N LYS D 390 17.09 -21.10 -23.66
CA LYS D 390 15.94 -20.74 -22.84
C LYS D 390 14.67 -20.52 -23.66
N GLY D 391 14.36 -21.45 -24.56
CA GLY D 391 13.06 -21.48 -25.21
C GLY D 391 12.84 -20.47 -26.32
N LYS D 392 13.56 -19.34 -26.27
CA LYS D 392 13.39 -18.28 -27.25
C LYS D 392 14.53 -17.29 -27.12
N LYS D 393 14.86 -16.63 -28.23
CA LYS D 393 15.90 -15.62 -28.26
C LYS D 393 15.33 -14.33 -28.81
N PHE D 394 15.99 -13.21 -28.48
CA PHE D 394 15.49 -11.90 -28.82
C PHE D 394 15.64 -11.63 -30.31
N ALA D 395 14.89 -10.63 -30.80
CA ALA D 395 14.92 -10.29 -32.21
C ALA D 395 16.30 -9.79 -32.63
N ARG D 396 16.95 -9.00 -31.78
CA ARG D 396 18.29 -8.51 -32.09
C ARG D 396 19.24 -9.68 -32.34
N TYR D 397 19.20 -10.69 -31.47
CA TYR D 397 20.03 -11.88 -31.67
C TYR D 397 19.63 -12.62 -32.93
N GLN D 398 18.32 -12.66 -33.21
CA GLN D 398 17.87 -13.26 -34.47
C GLN D 398 18.41 -12.49 -35.67
N PHE D 399 18.44 -11.16 -35.58
CA PHE D 399 19.02 -10.35 -36.65
C PHE D 399 20.51 -10.66 -36.81
N GLY D 400 21.22 -10.81 -35.71
CA GLY D 400 22.62 -11.18 -35.78
C GLY D 400 22.83 -12.54 -36.44
N ASP D 401 21.98 -13.51 -36.09
CA ASP D 401 22.07 -14.82 -36.73
C ASP D 401 21.79 -14.72 -38.23
N LEU D 402 20.84 -13.88 -38.61
CA LEU D 402 20.56 -13.66 -40.02
C LEU D 402 21.79 -13.09 -40.72
N LEU D 403 22.43 -12.11 -40.10
CA LEU D 403 23.65 -11.55 -40.68
C LEU D 403 24.74 -12.61 -40.80
N LEU D 404 24.85 -13.48 -39.79
CA LEU D 404 25.83 -14.56 -39.86
C LEU D 404 25.54 -15.50 -41.02
N HIS D 405 24.27 -15.83 -41.23
CA HIS D 405 23.91 -16.67 -42.36
C HIS D 405 24.25 -16.01 -43.68
N LEU D 406 23.97 -14.71 -43.80
CA LEU D 406 24.32 -14.00 -45.03
C LEU D 406 25.83 -14.00 -45.25
N GLU D 407 26.60 -13.79 -44.19
CA GLU D 407 28.06 -13.83 -44.30
C GLU D 407 28.54 -15.20 -44.75
N LYS D 408 28.00 -16.27 -44.16
CA LYS D 408 28.41 -17.61 -44.56
C LYS D 408 27.96 -17.94 -45.98
N LYS D 409 26.88 -17.32 -46.44
CA LYS D 409 26.33 -17.63 -47.76
C LYS D 409 27.04 -16.88 -48.87
N HIS D 410 27.45 -15.63 -48.62
CA HIS D 410 27.92 -14.77 -49.68
C HIS D 410 29.38 -14.33 -49.53
N GLY D 411 30.03 -14.66 -48.43
CA GLY D 411 31.43 -14.30 -48.27
C GLY D 411 31.61 -12.90 -47.68
N GLU D 412 32.70 -12.26 -48.08
CA GLU D 412 33.10 -10.97 -47.52
C GLU D 412 32.48 -9.79 -48.26
N ASP D 413 31.57 -10.02 -49.20
CA ASP D 413 30.90 -8.95 -49.94
C ASP D 413 29.90 -8.29 -49.00
N TRP D 414 30.37 -7.31 -48.24
CA TRP D 414 29.53 -6.64 -47.26
C TRP D 414 28.77 -5.45 -47.84
N GLY D 415 28.97 -5.13 -49.11
CA GLY D 415 28.15 -4.09 -49.73
C GLY D 415 26.68 -4.48 -49.83
N LYS D 416 26.42 -5.71 -50.28
CA LYS D 416 25.06 -6.13 -50.55
C LYS D 416 24.35 -6.66 -49.31
N VAL D 417 25.09 -7.03 -48.27
CA VAL D 417 24.46 -7.65 -47.11
C VAL D 417 23.52 -6.67 -46.42
N TYR D 418 23.90 -5.39 -46.38
CA TYR D 418 23.01 -4.39 -45.79
C TYR D 418 21.72 -4.29 -46.58
N ASP D 419 21.82 -4.36 -47.91
CA ASP D 419 20.61 -4.33 -48.74
C ASP D 419 19.70 -5.51 -48.42
N GLU D 420 20.27 -6.71 -48.31
CA GLU D 420 19.46 -7.89 -48.03
C GLU D 420 18.80 -7.79 -46.66
N ALA D 421 19.57 -7.33 -45.66
CA ALA D 421 19.00 -7.16 -44.32
C ALA D 421 17.86 -6.15 -44.33
N TRP D 422 18.06 -5.03 -45.03
CA TRP D 422 17.02 -4.02 -45.12
C TRP D 422 15.77 -4.58 -45.78
N GLU D 423 15.94 -5.33 -46.87
CA GLU D 423 14.80 -5.92 -47.56
C GLU D 423 14.06 -6.90 -46.66
N ARG D 424 14.79 -7.77 -45.98
CA ARG D 424 14.14 -8.78 -45.13
C ARG D 424 13.38 -8.14 -43.98
N ILE D 425 13.99 -7.16 -43.32
CA ILE D 425 13.30 -6.49 -42.22
C ILE D 425 12.10 -5.70 -42.74
N ASP D 426 12.22 -5.12 -43.94
CA ASP D 426 11.10 -4.43 -44.54
C ASP D 426 9.93 -5.39 -44.77
N LYS D 427 10.23 -6.58 -45.30
CA LYS D 427 9.18 -7.57 -45.49
C LYS D 427 8.53 -7.96 -44.17
N LYS D 428 9.35 -8.19 -43.13
CA LYS D 428 8.82 -8.61 -41.85
C LYS D 428 7.91 -7.55 -41.25
N VAL D 429 8.37 -6.30 -41.25
CA VAL D 429 7.56 -5.22 -40.68
C VAL D 429 6.31 -4.98 -41.50
N GLU D 430 6.40 -5.10 -42.83
CA GLU D 430 5.24 -4.93 -43.68
C GLU D 430 4.19 -6.00 -43.38
N GLY D 431 4.61 -7.25 -43.25
CA GLY D 431 3.68 -8.31 -42.92
C GLY D 431 3.05 -8.11 -41.55
N LEU D 432 3.86 -7.72 -40.57
CA LEU D 432 3.32 -7.45 -39.24
C LEU D 432 2.29 -6.35 -39.28
N SER D 433 2.58 -5.26 -40.01
CA SER D 433 1.63 -4.15 -40.11
C SER D 433 0.34 -4.59 -40.77
N LYS D 434 0.44 -5.33 -41.89
CA LYS D 434 -0.77 -5.78 -42.57
C LYS D 434 -1.62 -6.65 -41.67
N HIS D 435 -0.99 -7.63 -41.02
CA HIS D 435 -1.73 -8.54 -40.15
C HIS D 435 -2.36 -7.80 -38.97
N ILE D 436 -1.61 -6.88 -38.35
CA ILE D 436 -2.12 -6.15 -37.21
C ILE D 436 -3.32 -5.29 -37.60
N LYS D 437 -3.19 -4.55 -38.71
CA LYS D 437 -4.29 -3.72 -39.18
C LYS D 437 -5.50 -4.59 -39.49
N LEU D 438 -5.29 -5.73 -40.15
CA LEU D 438 -6.41 -6.60 -40.50
C LEU D 438 -7.12 -7.13 -39.27
N GLU D 439 -6.37 -7.46 -38.22
CA GLU D 439 -7.05 -7.93 -37.01
C GLU D 439 -7.85 -6.82 -36.35
N GLU D 440 -7.26 -5.64 -36.16
CA GLU D 440 -8.03 -4.63 -35.45
C GLU D 440 -9.03 -3.89 -36.33
N GLU D 441 -9.14 -4.24 -37.62
CA GLU D 441 -10.20 -3.65 -38.43
C GLU D 441 -11.58 -3.97 -37.87
N ARG D 442 -11.88 -5.24 -37.65
CA ARG D 442 -13.26 -5.61 -37.33
C ARG D 442 -13.56 -5.46 -35.84
N ARG D 443 -13.02 -6.36 -35.01
CA ARG D 443 -13.23 -6.24 -33.57
C ARG D 443 -12.01 -6.76 -32.79
N SER D 444 -11.04 -7.34 -33.49
CA SER D 444 -10.02 -8.12 -32.83
C SER D 444 -8.90 -7.23 -32.30
N GLU D 445 -8.29 -7.67 -31.19
CA GLU D 445 -7.13 -7.01 -30.61
C GLU D 445 -6.08 -8.07 -30.32
N ASP D 446 -4.88 -7.88 -30.85
CA ASP D 446 -3.77 -8.81 -30.64
C ASP D 446 -2.70 -8.09 -29.85
N ALA D 447 -2.33 -8.67 -28.70
CA ALA D 447 -1.29 -8.06 -27.87
C ALA D 447 0.11 -8.49 -28.31
N GLN D 448 0.28 -9.78 -28.61
CA GLN D 448 1.61 -10.31 -28.87
C GLN D 448 2.20 -9.73 -30.15
N SER D 449 1.37 -9.57 -31.19
CA SER D 449 1.88 -9.09 -32.48
C SER D 449 2.44 -7.69 -32.36
N LYS D 450 1.78 -6.82 -31.60
CA LYS D 450 2.28 -5.46 -31.41
C LYS D 450 3.63 -5.47 -30.70
N ALA D 451 3.78 -6.33 -29.70
CA ALA D 451 5.06 -6.43 -29.00
C ALA D 451 6.16 -6.90 -29.94
N ALA D 452 5.86 -7.91 -30.76
CA ALA D 452 6.87 -8.39 -31.72
C ALA D 452 7.25 -7.31 -32.71
N LEU D 453 6.26 -6.57 -33.22
CA LEU D 453 6.54 -5.49 -34.15
C LEU D 453 7.42 -4.41 -33.51
N THR D 454 7.11 -4.04 -32.27
CA THR D 454 7.90 -3.04 -31.57
C THR D 454 9.33 -3.52 -31.36
N ASP D 455 9.49 -4.79 -30.97
CA ASP D 455 10.83 -5.32 -30.75
C ASP D 455 11.64 -5.32 -32.04
N TRP D 456 11.03 -5.72 -33.15
CA TRP D 456 11.75 -5.73 -34.42
C TRP D 456 12.10 -4.31 -34.86
N LEU D 457 11.19 -3.35 -34.62
CA LEU D 457 11.50 -1.96 -34.94
C LEU D 457 12.69 -1.47 -34.14
N ARG D 458 12.72 -1.80 -32.84
CA ARG D 458 13.85 -1.41 -32.00
C ARG D 458 15.15 -2.03 -32.51
N ALA D 459 15.10 -3.31 -32.88
CA ALA D 459 16.30 -3.96 -33.39
C ALA D 459 16.80 -3.31 -34.67
N LYS D 460 15.90 -3.01 -35.59
CA LYS D 460 16.30 -2.33 -36.82
C LYS D 460 16.90 -0.96 -36.52
N ALA D 461 16.27 -0.21 -35.61
CA ALA D 461 16.79 1.10 -35.26
C ALA D 461 18.19 1.00 -34.70
N SER D 462 18.41 0.07 -33.77
CA SER D 462 19.73 -0.10 -33.18
C SER D 462 20.76 -0.46 -34.24
N PHE D 463 20.41 -1.39 -35.14
CA PHE D 463 21.35 -1.79 -36.18
C PHE D 463 21.72 -0.62 -37.08
N VAL D 464 20.74 0.23 -37.39
CA VAL D 464 21.02 1.37 -38.25
C VAL D 464 21.87 2.41 -37.53
N ILE D 465 21.57 2.68 -36.25
CA ILE D 465 22.17 3.81 -35.55
C ILE D 465 23.46 3.47 -34.83
N GLU D 466 23.86 2.19 -34.81
CA GLU D 466 25.10 1.85 -34.12
C GLU D 466 26.32 2.60 -34.69
N GLY D 467 26.26 3.02 -35.96
CA GLY D 467 27.41 3.62 -36.60
C GLY D 467 27.67 5.07 -36.28
N LEU D 468 26.76 5.74 -35.57
CA LEU D 468 26.92 7.14 -35.21
C LEU D 468 27.22 7.34 -33.73
N LYS D 469 27.55 6.26 -33.00
CA LYS D 469 27.76 6.37 -31.56
C LYS D 469 29.05 7.09 -31.19
N GLU D 470 29.93 7.37 -32.15
CA GLU D 470 31.20 8.01 -31.87
C GLU D 470 31.43 9.31 -32.64
N ALA D 471 30.81 9.49 -33.81
CA ALA D 471 31.07 10.66 -34.63
C ALA D 471 30.50 11.92 -33.99
N ASP D 472 29.20 11.93 -33.73
CA ASP D 472 28.52 13.06 -33.08
C ASP D 472 27.65 12.50 -31.98
N LYS D 473 28.07 12.70 -30.73
CA LYS D 473 27.33 12.14 -29.59
C LYS D 473 26.08 12.94 -29.27
N ASP D 474 26.14 14.27 -29.44
CA ASP D 474 24.99 15.10 -29.11
C ASP D 474 23.79 14.77 -29.98
N GLU D 475 24.01 14.69 -31.30
CA GLU D 475 22.93 14.30 -32.21
C GLU D 475 22.50 12.86 -31.94
N PHE D 476 23.47 11.97 -31.70
CA PHE D 476 23.17 10.57 -31.45
C PHE D 476 22.37 10.41 -30.16
N CYS D 477 22.71 11.19 -29.13
CA CYS D 477 21.98 11.08 -27.86
C CYS D 477 20.54 11.57 -28.00
N ARG D 478 20.32 12.66 -28.74
CA ARG D 478 18.95 13.14 -28.94
C ARG D 478 18.11 12.08 -29.63
N CYS D 479 18.68 11.44 -30.66
CA CYS D 479 17.99 10.33 -31.32
C CYS D 479 17.74 9.19 -30.34
N GLU D 480 18.71 8.91 -29.46
CA GLU D 480 18.54 7.85 -28.48
C GLU D 480 17.35 8.11 -27.57
N LEU D 481 17.27 9.32 -27.01
CA LEU D 481 16.13 9.67 -26.18
C LEU D 481 14.82 9.61 -26.95
N LYS D 482 14.80 10.13 -28.18
CA LYS D 482 13.59 10.08 -28.99
C LYS D 482 13.12 8.64 -29.18
N LEU D 483 14.05 7.76 -29.59
CA LEU D 483 13.67 6.38 -29.91
C LEU D 483 13.31 5.60 -28.65
N GLN D 484 13.96 5.87 -27.52
CA GLN D 484 13.62 5.13 -26.32
C GLN D 484 12.27 5.57 -25.76
N LYS D 485 11.97 6.87 -25.84
CA LYS D 485 10.64 7.32 -25.48
C LYS D 485 9.59 6.70 -26.38
N TRP D 486 9.88 6.65 -27.69
CA TRP D 486 8.94 6.03 -28.62
C TRP D 486 8.74 4.55 -28.31
N TYR D 487 9.83 3.84 -28.02
CA TYR D 487 9.74 2.42 -27.69
C TYR D 487 8.91 2.20 -26.43
N GLY D 488 9.17 2.98 -25.39
CA GLY D 488 8.42 2.83 -24.16
C GLY D 488 6.93 3.10 -24.36
N ASP D 489 6.61 4.17 -25.07
CA ASP D 489 5.20 4.49 -25.30
C ASP D 489 4.52 3.43 -26.16
N LEU D 490 5.21 2.94 -27.21
CA LEU D 490 4.63 1.91 -28.05
C LEU D 490 4.38 0.64 -27.26
N ARG D 491 5.32 0.26 -26.39
CA ARG D 491 5.17 -0.94 -25.60
C ARG D 491 4.06 -0.80 -24.56
N GLY D 492 3.91 0.39 -23.99
CA GLY D 492 2.95 0.57 -22.91
C GLY D 492 1.54 0.93 -23.30
N LYS D 493 1.35 1.47 -24.51
CA LYS D 493 0.01 1.95 -24.89
C LYS D 493 -1.03 0.83 -24.97
N PRO D 494 -0.80 -0.30 -25.63
CA PRO D 494 -1.88 -1.30 -25.78
C PRO D 494 -2.42 -1.83 -24.46
N PHE D 495 -1.84 -1.45 -23.31
CA PHE D 495 -2.36 -1.82 -22.01
C PHE D 495 -2.70 -0.61 -21.17
N ALA D 496 -2.60 0.60 -21.72
CA ALA D 496 -2.94 1.79 -20.98
C ALA D 496 -4.44 1.85 -20.74
N ILE D 497 -4.83 2.24 -19.52
CA ILE D 497 -6.23 2.33 -19.14
C ILE D 497 -6.66 3.78 -19.24
N GLU D 498 -7.71 4.03 -20.03
CA GLU D 498 -8.27 5.37 -20.16
C GLU D 498 -9.52 5.58 -19.33
N ALA D 499 -10.16 4.51 -18.86
CA ALA D 499 -11.40 4.63 -18.10
C ALA D 499 -11.12 5.16 -16.71
N GLU D 500 -11.94 6.11 -16.27
CA GLU D 500 -11.83 6.69 -14.94
C GLU D 500 -13.21 6.79 -14.32
N ASN D 501 -13.26 6.69 -12.99
CA ASN D 501 -14.53 6.67 -12.27
C ASN D 501 -15.28 7.98 -12.42
N SER D 502 -16.55 7.95 -12.03
CA SER D 502 -17.40 9.13 -11.95
C SER D 502 -18.26 9.01 -10.71
N ILE D 503 -18.31 10.06 -9.90
CA ILE D 503 -18.90 9.99 -8.57
C ILE D 503 -20.01 11.04 -8.47
N LEU D 504 -20.90 10.84 -7.51
CA LEU D 504 -22.00 11.76 -7.25
C LEU D 504 -22.28 11.82 -5.76
N ASP D 505 -21.75 12.84 -5.10
CA ASP D 505 -21.88 12.97 -3.66
C ASP D 505 -23.31 13.30 -3.27
N ILE D 506 -23.69 12.88 -2.06
CA ILE D 506 -24.96 13.22 -1.45
C ILE D 506 -24.66 13.57 0.00
N SER D 507 -24.76 14.86 0.33
CA SER D 507 -24.21 15.36 1.59
C SER D 507 -24.90 14.73 2.79
N GLY D 508 -26.22 14.61 2.75
CA GLY D 508 -26.94 14.06 3.88
C GLY D 508 -28.35 13.69 3.49
N PHE D 509 -28.94 12.79 4.27
CA PHE D 509 -30.30 12.31 4.02
C PHE D 509 -31.25 13.06 4.95
N SER D 510 -31.60 14.27 4.52
CA SER D 510 -32.58 15.09 5.21
C SER D 510 -33.33 15.91 4.17
N LYS D 511 -34.50 16.41 4.56
CA LYS D 511 -35.35 17.12 3.61
C LYS D 511 -34.66 18.36 3.05
N GLN D 512 -33.63 18.86 3.72
CA GLN D 512 -32.91 20.03 3.22
C GLN D 512 -32.24 19.74 1.89
N TYR D 513 -31.65 18.56 1.74
CA TYR D 513 -30.84 18.25 0.57
C TYR D 513 -31.63 17.62 -0.57
N ASN D 514 -32.89 17.26 -0.34
CA ASN D 514 -33.78 16.76 -1.40
C ASN D 514 -33.22 15.50 -2.06
N CYS D 515 -33.02 14.46 -1.24
CA CYS D 515 -32.57 13.15 -1.71
C CYS D 515 -33.25 12.10 -0.84
N ALA D 516 -34.23 11.40 -1.43
CA ALA D 516 -35.13 10.55 -0.67
C ALA D 516 -34.70 9.10 -0.79
N PHE D 517 -34.75 8.38 0.32
CA PHE D 517 -34.62 6.92 0.37
C PHE D 517 -35.90 6.39 0.98
N ILE D 518 -36.79 5.89 0.13
CA ILE D 518 -38.17 5.62 0.52
C ILE D 518 -38.51 4.16 0.30
N TRP D 519 -39.58 3.72 0.94
CA TRP D 519 -40.03 2.34 0.90
C TRP D 519 -41.48 2.24 1.35
N GLN D 520 -42.10 1.06 1.21
CA GLN D 520 -43.51 0.89 1.54
C GLN D 520 -43.71 -0.25 2.52
N LYS D 521 -44.89 -0.31 3.14
CA LYS D 521 -45.14 -1.24 4.23
C LYS D 521 -46.42 -2.01 3.93
N ASP D 522 -46.52 -3.23 4.46
CA ASP D 522 -47.69 -4.07 4.30
C ASP D 522 -48.01 -4.76 5.61
N GLY D 523 -47.77 -4.08 6.73
CA GLY D 523 -47.99 -4.67 8.03
C GLY D 523 -46.83 -5.51 8.52
N VAL D 524 -45.72 -5.50 7.79
CA VAL D 524 -44.53 -6.28 8.16
C VAL D 524 -43.33 -5.62 7.49
N LYS D 525 -42.13 -5.97 7.93
CA LYS D 525 -40.93 -5.31 7.43
C LYS D 525 -40.70 -5.53 5.94
N LYS D 526 -41.46 -6.41 5.29
CA LYS D 526 -41.27 -6.67 3.87
C LYS D 526 -41.60 -5.38 3.12
N LEU D 527 -40.56 -4.73 2.60
CA LEU D 527 -40.66 -3.38 2.09
C LEU D 527 -39.94 -3.28 0.75
N ASN D 528 -40.54 -2.57 -0.21
CA ASN D 528 -39.97 -2.42 -1.53
C ASN D 528 -39.05 -1.20 -1.58
N LEU D 529 -37.90 -1.33 -2.24
CA LEU D 529 -36.85 -0.34 -2.10
C LEU D 529 -36.85 0.62 -3.28
N TYR D 530 -36.48 1.88 -2.99
CA TYR D 530 -36.30 2.89 -4.01
C TYR D 530 -35.40 4.03 -3.51
N LEU D 531 -34.44 4.45 -4.32
CA LEU D 531 -33.61 5.60 -4.01
C LEU D 531 -33.91 6.71 -5.02
N ILE D 532 -34.42 7.82 -4.53
CA ILE D 532 -34.88 8.92 -5.38
C ILE D 532 -33.96 10.12 -5.20
N ILE D 533 -33.57 10.73 -6.32
CA ILE D 533 -32.71 11.89 -6.33
C ILE D 533 -33.41 13.00 -7.12
N ASN D 534 -33.49 14.19 -6.52
CA ASN D 534 -34.11 15.35 -7.16
C ASN D 534 -33.09 16.50 -7.13
N TYR D 535 -32.28 16.58 -8.18
CA TYR D 535 -31.27 17.61 -8.28
C TYR D 535 -31.53 18.64 -9.37
N PHE D 536 -32.22 18.25 -10.44
CA PHE D 536 -32.55 19.18 -11.51
C PHE D 536 -33.67 20.12 -11.07
N LYS D 537 -33.69 21.32 -11.65
CA LYS D 537 -34.78 22.25 -11.38
C LYS D 537 -36.06 21.76 -12.05
N GLY D 538 -37.19 22.21 -11.50
CA GLY D 538 -38.48 21.85 -12.07
C GLY D 538 -39.03 20.55 -11.52
N GLY D 539 -38.15 19.70 -10.99
CA GLY D 539 -38.61 18.46 -10.40
C GLY D 539 -39.43 18.69 -9.15
N LYS D 540 -40.41 17.82 -8.93
CA LYS D 540 -41.31 17.91 -7.80
C LYS D 540 -41.11 16.72 -6.88
N LEU D 541 -40.97 16.99 -5.58
CA LEU D 541 -40.80 15.93 -4.60
C LEU D 541 -41.14 16.51 -3.24
N ARG D 542 -42.20 16.01 -2.62
CA ARG D 542 -42.72 16.58 -1.39
C ARG D 542 -42.55 15.62 -0.22
N PHE D 543 -42.84 16.14 0.97
CA PHE D 543 -42.84 15.36 2.20
C PHE D 543 -44.10 15.72 2.97
N LYS D 544 -44.59 14.78 3.77
CA LYS D 544 -45.80 14.98 4.57
C LYS D 544 -45.64 14.31 5.93
N LYS D 545 -45.75 15.09 7.00
CA LYS D 545 -45.68 14.53 8.34
C LYS D 545 -46.94 13.74 8.64
N ILE D 546 -46.77 12.60 9.33
CA ILE D 546 -47.85 11.66 9.56
C ILE D 546 -47.78 11.13 10.99
N LYS D 547 -48.88 10.51 11.42
CA LYS D 547 -48.89 9.80 12.68
C LYS D 547 -47.93 8.61 12.58
N PRO D 548 -47.20 8.29 13.65
CA PRO D 548 -46.18 7.24 13.55
C PRO D 548 -46.69 5.88 13.07
N GLU D 549 -47.93 5.52 13.39
CA GLU D 549 -48.47 4.22 13.01
C GLU D 549 -49.69 4.35 12.11
N ALA D 550 -49.71 5.37 11.25
CA ALA D 550 -50.82 5.60 10.32
C ALA D 550 -50.48 5.10 8.92
N PHE D 551 -49.81 3.96 8.83
CA PHE D 551 -49.39 3.44 7.54
C PHE D 551 -50.59 3.09 6.67
N GLU D 552 -50.44 3.32 5.37
CA GLU D 552 -51.49 3.06 4.39
C GLU D 552 -50.91 2.26 3.23
N ALA D 553 -51.78 1.52 2.55
CA ALA D 553 -51.35 0.71 1.42
C ALA D 553 -51.01 1.58 0.22
N ASN D 554 -50.06 1.09 -0.59
CA ASN D 554 -49.67 1.75 -1.84
C ASN D 554 -49.20 3.18 -1.61
N ARG D 555 -48.50 3.41 -0.50
CA ARG D 555 -47.88 4.68 -0.20
C ARG D 555 -46.46 4.44 0.26
N PHE D 556 -45.53 5.25 -0.24
CA PHE D 556 -44.13 5.11 0.14
C PHE D 556 -43.85 5.92 1.40
N TYR D 557 -43.08 5.32 2.31
CA TYR D 557 -42.76 5.94 3.59
C TYR D 557 -41.25 6.02 3.75
N THR D 558 -40.82 6.80 4.73
CA THR D 558 -39.42 6.89 5.12
C THR D 558 -39.36 7.52 6.51
N VAL D 559 -38.14 7.64 7.03
CA VAL D 559 -37.91 8.23 8.34
C VAL D 559 -36.80 9.27 8.22
N ILE D 560 -36.96 10.36 8.97
CA ILE D 560 -35.98 11.43 9.02
C ILE D 560 -35.40 11.50 10.43
N ASN D 561 -34.10 11.29 10.53
CA ASN D 561 -33.40 11.40 11.80
C ASN D 561 -33.31 12.85 12.23
N LYS D 562 -33.32 13.09 13.53
CA LYS D 562 -33.22 14.42 14.09
C LYS D 562 -31.87 14.60 14.79
N LYS D 563 -31.39 15.84 14.80
CA LYS D 563 -30.14 16.13 15.48
C LYS D 563 -30.23 15.84 16.97
N SER D 564 -31.37 16.11 17.58
CA SER D 564 -31.56 15.87 19.00
C SER D 564 -31.76 14.39 19.33
N GLY D 565 -31.92 13.55 18.33
CA GLY D 565 -32.10 12.12 18.55
C GLY D 565 -33.49 11.59 18.37
N GLU D 566 -34.43 12.40 17.89
CA GLU D 566 -35.78 11.95 17.62
C GLU D 566 -35.87 11.36 16.22
N ILE D 567 -36.77 10.40 16.04
CA ILE D 567 -37.00 9.77 14.75
C ILE D 567 -38.39 10.14 14.28
N VAL D 568 -38.47 10.75 13.10
CA VAL D 568 -39.71 11.29 12.56
C VAL D 568 -40.17 10.39 11.41
N PRO D 569 -41.22 9.59 11.58
CA PRO D 569 -41.81 8.89 10.44
C PRO D 569 -42.41 9.90 9.48
N MET D 570 -41.87 9.95 8.27
CA MET D 570 -42.12 11.08 7.38
C MET D 570 -42.56 10.51 6.03
N GLU D 571 -43.67 11.02 5.51
CA GLU D 571 -44.28 10.43 4.32
C GLU D 571 -43.86 11.20 3.07
N VAL D 572 -43.63 10.46 1.98
CA VAL D 572 -43.19 11.02 0.71
C VAL D 572 -44.23 10.70 -0.35
N ASN D 573 -44.58 11.70 -1.15
CA ASN D 573 -45.46 11.53 -2.30
C ASN D 573 -44.87 12.22 -3.52
N PHE D 574 -45.03 11.60 -4.68
CA PHE D 574 -44.46 12.09 -5.94
C PHE D 574 -45.11 11.31 -7.08
N ASN D 575 -44.58 11.49 -8.29
CA ASN D 575 -45.10 10.82 -9.47
C ASN D 575 -43.94 10.20 -10.26
N PHE D 576 -44.17 8.99 -10.76
CA PHE D 576 -43.11 8.23 -11.44
C PHE D 576 -42.81 8.77 -12.84
N ASP D 577 -43.64 9.65 -13.38
CA ASP D 577 -43.48 10.10 -14.76
C ASP D 577 -42.86 11.49 -14.86
N ASP D 578 -42.35 12.03 -13.77
CA ASP D 578 -41.75 13.36 -13.80
C ASP D 578 -40.47 13.35 -14.61
N PRO D 579 -40.35 14.13 -15.69
CA PRO D 579 -39.14 14.08 -16.51
C PRO D 579 -37.88 14.58 -15.82
N ASN D 580 -38.00 15.31 -14.71
CA ASN D 580 -36.85 15.89 -14.04
C ASN D 580 -36.43 15.13 -12.79
N LEU D 581 -36.96 13.94 -12.57
CA LEU D 581 -36.59 13.11 -11.44
C LEU D 581 -35.75 11.92 -11.87
N ILE D 582 -35.05 11.35 -10.88
CA ILE D 582 -34.20 10.18 -11.08
C ILE D 582 -34.63 9.12 -10.09
N ILE D 583 -34.96 7.94 -10.59
CA ILE D 583 -35.47 6.84 -9.78
C ILE D 583 -34.51 5.66 -9.91
N LEU D 584 -34.12 5.09 -8.79
CA LEU D 584 -33.16 3.98 -8.77
C LEU D 584 -33.68 2.84 -7.91
N PRO D 585 -34.03 1.70 -8.52
CA PRO D 585 -34.28 0.48 -7.74
C PRO D 585 -33.03 -0.35 -7.58
N LEU D 586 -32.87 -0.94 -6.40
CA LEU D 586 -31.64 -1.61 -6.01
C LEU D 586 -31.78 -3.12 -6.11
N ALA D 587 -30.65 -3.80 -5.96
CA ALA D 587 -30.58 -5.26 -6.00
C ALA D 587 -29.45 -5.73 -5.11
N PHE D 588 -29.73 -6.71 -4.26
CA PHE D 588 -28.76 -7.18 -3.28
C PHE D 588 -29.17 -8.59 -2.84
N GLY D 589 -28.54 -9.08 -1.77
CA GLY D 589 -28.78 -10.42 -1.28
C GLY D 589 -29.42 -10.44 0.10
N LYS D 590 -29.82 -11.64 0.51
CA LYS D 590 -30.47 -11.81 1.80
C LYS D 590 -29.56 -11.41 2.95
N ARG D 591 -28.28 -11.77 2.86
CA ARG D 591 -27.34 -11.47 3.92
C ARG D 591 -27.19 -9.96 4.12
N GLN D 592 -27.07 -9.22 3.01
CA GLN D 592 -26.99 -7.77 3.10
C GLN D 592 -28.25 -7.18 3.72
N GLY D 593 -29.42 -7.67 3.31
CA GLY D 593 -30.66 -7.15 3.86
C GLY D 593 -30.79 -7.41 5.34
N ARG D 594 -30.45 -8.63 5.78
CA ARG D 594 -30.48 -8.92 7.20
C ARG D 594 -29.46 -8.08 7.96
N GLU D 595 -28.34 -7.74 7.32
CA GLU D 595 -27.34 -6.93 7.99
C GLU D 595 -27.78 -5.49 8.17
N PHE D 596 -28.35 -4.89 7.13
CA PHE D 596 -28.62 -3.46 7.12
C PHE D 596 -30.09 -3.11 7.01
N ILE D 597 -30.80 -3.65 6.03
CA ILE D 597 -32.14 -3.16 5.71
C ILE D 597 -33.13 -3.57 6.80
N TRP D 598 -33.33 -4.88 6.97
CA TRP D 598 -34.36 -5.34 7.89
C TRP D 598 -33.79 -6.18 9.03
N ASN D 599 -32.72 -5.69 9.65
CA ASN D 599 -32.12 -6.39 10.77
C ASN D 599 -33.09 -6.47 11.94
N ASP D 600 -32.83 -7.42 12.85
CA ASP D 600 -33.74 -7.67 13.95
C ASP D 600 -33.40 -6.86 15.19
N LEU D 601 -32.11 -6.68 15.48
CA LEU D 601 -31.70 -5.92 16.66
C LEU D 601 -31.60 -4.43 16.35
N LEU D 602 -31.00 -4.08 15.21
CA LEU D 602 -30.81 -2.69 14.82
C LEU D 602 -31.87 -2.33 13.79
N SER D 603 -32.81 -1.47 14.18
CA SER D 603 -33.92 -1.07 13.32
C SER D 603 -33.80 0.41 12.99
N LEU D 604 -33.75 0.72 11.70
CA LEU D 604 -33.77 2.13 11.29
C LEU D 604 -35.14 2.75 11.51
N GLU D 605 -36.18 1.93 11.63
CA GLU D 605 -37.49 2.45 12.03
C GLU D 605 -37.46 2.97 13.46
N THR D 606 -36.94 2.17 14.38
CA THR D 606 -36.89 2.59 15.78
C THR D 606 -35.86 3.69 15.99
N GLY D 607 -34.73 3.62 15.30
CA GLY D 607 -33.67 4.61 15.44
C GLY D 607 -32.36 4.07 15.98
N SER D 608 -32.26 2.76 16.22
CA SER D 608 -30.98 2.19 16.65
C SER D 608 -29.94 2.26 15.54
N LEU D 609 -30.36 2.37 14.29
CA LEU D 609 -29.45 2.54 13.17
C LEU D 609 -29.82 3.80 12.41
N LYS D 610 -28.80 4.55 11.99
CA LYS D 610 -29.00 5.83 11.33
C LYS D 610 -28.26 5.85 10.00
N LEU D 611 -28.92 6.37 8.97
CA LEU D 611 -28.33 6.52 7.65
C LEU D 611 -27.59 7.85 7.59
N ALA D 612 -26.31 7.80 7.21
CA ALA D 612 -25.46 9.00 7.25
C ALA D 612 -25.45 9.72 5.91
N ASN D 613 -24.96 9.05 4.87
CA ASN D 613 -24.89 9.64 3.54
C ASN D 613 -24.56 8.52 2.55
N GLY D 614 -24.23 8.90 1.32
CA GLY D 614 -23.89 7.91 0.31
C GLY D 614 -23.36 8.58 -0.93
N ARG D 615 -23.05 7.75 -1.92
CA ARG D 615 -22.57 8.21 -3.21
C ARG D 615 -23.27 7.42 -4.31
N VAL D 616 -23.02 7.82 -5.55
CA VAL D 616 -23.40 7.06 -6.73
C VAL D 616 -22.15 6.85 -7.56
N ILE D 617 -21.82 5.60 -7.85
CA ILE D 617 -20.56 5.24 -8.49
C ILE D 617 -20.84 4.46 -9.76
N GLU D 618 -20.22 4.89 -10.86
CA GLU D 618 -20.14 4.10 -12.07
C GLU D 618 -18.67 3.79 -12.33
N LYS D 619 -18.36 2.51 -12.55
CA LYS D 619 -16.98 2.07 -12.58
C LYS D 619 -16.88 0.85 -13.48
N THR D 620 -15.64 0.45 -13.76
CA THR D 620 -15.37 -0.72 -14.58
C THR D 620 -15.73 -2.00 -13.84
N LEU D 621 -15.99 -3.05 -14.62
CA LEU D 621 -16.31 -4.36 -14.06
C LEU D 621 -16.05 -5.41 -15.14
N TYR D 622 -15.45 -6.53 -14.74
CA TYR D 622 -15.11 -7.58 -15.69
C TYR D 622 -16.30 -8.50 -15.91
N ASN D 623 -16.49 -8.91 -17.17
CA ASN D 623 -17.52 -9.86 -17.54
C ASN D 623 -16.88 -11.01 -18.31
N ARG D 624 -17.13 -12.23 -17.85
CA ARG D 624 -16.51 -13.39 -18.51
C ARG D 624 -17.18 -13.71 -19.84
N ARG D 625 -18.47 -13.40 -19.99
CA ARG D 625 -19.16 -13.72 -21.23
C ARG D 625 -18.55 -12.97 -22.41
N THR D 626 -18.26 -11.69 -22.25
CA THR D 626 -17.69 -10.88 -23.32
C THR D 626 -16.18 -10.76 -23.23
N ARG D 627 -15.59 -11.18 -22.11
CA ARG D 627 -14.16 -11.03 -21.87
C ARG D 627 -13.74 -9.56 -22.01
N GLN D 628 -14.52 -8.67 -21.43
CA GLN D 628 -14.26 -7.24 -21.51
C GLN D 628 -14.71 -6.57 -20.22
N ASP D 629 -14.31 -5.32 -20.06
CA ASP D 629 -14.72 -4.48 -18.94
C ASP D 629 -15.76 -3.48 -19.43
N GLU D 630 -16.88 -3.40 -18.71
CA GLU D 630 -17.98 -2.55 -19.13
C GLU D 630 -18.42 -1.65 -17.99
N PRO D 631 -18.73 -0.38 -18.28
CA PRO D 631 -19.16 0.53 -17.22
C PRO D 631 -20.47 0.06 -16.59
N ALA D 632 -20.47 -0.05 -15.27
CA ALA D 632 -21.64 -0.49 -14.53
C ALA D 632 -21.85 0.45 -13.35
N LEU D 633 -23.12 0.58 -12.95
CA LEU D 633 -23.52 1.51 -11.91
C LEU D 633 -23.51 0.83 -10.56
N PHE D 634 -23.10 1.58 -9.53
CA PHE D 634 -23.10 1.09 -8.17
C PHE D 634 -23.63 2.17 -7.25
N VAL D 635 -24.22 1.76 -6.14
CA VAL D 635 -24.71 2.68 -5.12
C VAL D 635 -24.08 2.29 -3.79
N ALA D 636 -23.34 3.22 -3.21
CA ALA D 636 -22.68 3.00 -1.92
C ALA D 636 -23.43 3.79 -0.86
N LEU D 637 -23.84 3.10 0.20
CA LEU D 637 -24.56 3.71 1.31
C LEU D 637 -23.80 3.45 2.60
N THR D 638 -23.68 4.47 3.42
CA THR D 638 -22.95 4.41 4.68
C THR D 638 -23.93 4.45 5.84
N PHE D 639 -23.74 3.54 6.79
CA PHE D 639 -24.61 3.44 7.96
C PHE D 639 -23.78 3.63 9.23
N GLU D 640 -24.34 4.37 10.17
CA GLU D 640 -23.72 4.61 11.47
C GLU D 640 -24.56 3.98 12.56
N ARG D 641 -23.94 3.14 13.38
CA ARG D 641 -24.65 2.51 14.48
C ARG D 641 -24.88 3.51 15.61
N ARG D 642 -26.00 3.36 16.30
CA ARG D 642 -26.36 4.27 17.38
C ARG D 642 -26.53 3.57 18.73
N GLU D 643 -26.29 2.26 18.80
CA GLU D 643 -26.31 1.53 20.06
C GLU D 643 -25.15 0.56 20.07
N VAL D 644 -24.41 0.53 21.18
CA VAL D 644 -23.23 -0.30 21.33
C VAL D 644 -23.39 -1.14 22.59
N LEU D 645 -22.38 -1.97 22.86
CA LEU D 645 -22.38 -2.86 24.00
C LEU D 645 -21.48 -2.31 25.11
N ASP D 646 -21.66 -2.87 26.30
CA ASP D 646 -20.85 -2.54 27.46
C ASP D 646 -19.80 -3.62 27.65
N SER D 647 -18.57 -3.20 27.99
CA SER D 647 -17.46 -4.12 28.18
C SER D 647 -16.96 -4.14 29.62
N SER D 648 -17.82 -3.82 30.59
CA SER D 648 -17.42 -3.86 31.98
C SER D 648 -17.51 -5.25 32.58
N ASN D 649 -18.20 -6.18 31.91
CA ASN D 649 -18.45 -7.51 32.45
C ASN D 649 -17.62 -8.58 31.76
N ILE D 650 -16.51 -8.21 31.14
CA ILE D 650 -15.66 -9.15 30.41
C ILE D 650 -14.36 -9.33 31.16
N LYS D 651 -13.89 -10.57 31.27
CA LYS D 651 -12.62 -10.86 31.93
C LYS D 651 -12.10 -12.19 31.42
N PRO D 652 -11.31 -12.18 30.34
CA PRO D 652 -10.72 -13.43 29.85
C PRO D 652 -9.66 -13.94 30.82
N MET D 653 -9.45 -15.25 30.79
CA MET D 653 -8.47 -15.90 31.64
C MET D 653 -7.37 -16.61 30.85
N ASN D 654 -7.73 -17.41 29.86
CA ASN D 654 -6.74 -18.15 29.09
C ASN D 654 -6.04 -17.21 28.11
N LEU D 655 -5.05 -17.75 27.38
CA LEU D 655 -4.21 -16.93 26.53
C LEU D 655 -3.85 -17.68 25.27
N ILE D 656 -3.78 -16.97 24.14
CA ILE D 656 -3.29 -17.50 22.88
C ILE D 656 -2.22 -16.57 22.35
N GLY D 657 -1.12 -17.14 21.87
CA GLY D 657 -0.08 -16.40 21.17
C GLY D 657 -0.17 -16.66 19.68
N ILE D 658 0.17 -15.64 18.90
CA ILE D 658 0.10 -15.71 17.44
C ILE D 658 1.44 -15.27 16.87
N ALA D 659 1.97 -16.06 15.94
CA ALA D 659 3.21 -15.75 15.25
C ALA D 659 2.89 -15.50 13.79
N ARG D 660 2.78 -14.22 13.42
CA ARG D 660 2.49 -13.84 12.05
C ARG D 660 3.71 -14.02 11.17
N GLY D 661 3.46 -14.31 9.90
CA GLY D 661 4.55 -14.49 8.97
C GLY D 661 4.05 -14.75 7.57
N GLU D 662 4.99 -15.08 6.69
CA GLU D 662 4.68 -15.33 5.29
C GLU D 662 4.56 -16.81 4.94
N ASN D 663 5.48 -17.64 5.44
CA ASN D 663 5.41 -19.07 5.14
C ASN D 663 4.13 -19.69 5.71
N ILE D 664 3.78 -19.32 6.95
CA ILE D 664 2.50 -19.67 7.52
C ILE D 664 1.84 -18.39 8.04
N PRO D 665 0.74 -17.95 7.42
CA PRO D 665 0.16 -16.66 7.82
C PRO D 665 -0.31 -16.60 9.26
N ALA D 666 -0.55 -17.74 9.91
CA ALA D 666 -1.01 -17.72 11.29
C ALA D 666 -0.73 -19.05 11.97
N VAL D 667 -0.02 -19.01 13.08
CA VAL D 667 0.14 -20.15 13.98
C VAL D 667 -0.26 -19.67 15.37
N ILE D 668 -1.09 -20.46 16.05
CA ILE D 668 -1.65 -20.08 17.35
C ILE D 668 -1.40 -21.20 18.35
N ALA D 669 -1.20 -20.82 19.61
CA ALA D 669 -1.00 -21.76 20.71
C ALA D 669 -1.72 -21.25 21.94
N LEU D 670 -2.42 -22.15 22.62
CA LEU D 670 -3.25 -21.79 23.77
C LEU D 670 -2.64 -22.34 25.05
N THR D 671 -2.57 -21.50 26.08
CA THR D 671 -2.06 -21.90 27.38
C THR D 671 -2.94 -21.30 28.48
N ASP D 672 -2.87 -21.92 29.65
CA ASP D 672 -3.54 -21.43 30.83
C ASP D 672 -2.80 -20.23 31.40
N PRO D 673 -3.41 -19.49 32.33
CA PRO D 673 -2.65 -18.44 33.02
C PRO D 673 -1.39 -18.95 33.70
N GLU D 674 -1.39 -20.21 34.16
CA GLU D 674 -0.19 -20.79 34.74
C GLU D 674 0.93 -20.96 33.72
N GLY D 675 0.60 -20.97 32.43
CA GLY D 675 1.57 -21.19 31.38
C GLY D 675 1.59 -22.59 30.80
N CYS D 676 0.89 -23.53 31.43
CA CYS D 676 0.85 -24.89 30.90
C CYS D 676 0.04 -24.92 29.60
N PRO D 677 0.56 -25.57 28.56
CA PRO D 677 -0.21 -25.71 27.32
C PRO D 677 -1.49 -26.51 27.54
N LEU D 678 -2.50 -26.18 26.75
CA LEU D 678 -3.82 -26.80 26.85
C LEU D 678 -4.08 -27.71 25.66
N SER D 679 -4.42 -28.96 25.93
CA SER D 679 -4.72 -29.93 24.88
C SER D 679 -6.21 -29.88 24.56
N ARG D 680 -6.60 -28.78 23.92
CA ARG D 680 -8.01 -28.53 23.61
C ARG D 680 -8.29 -28.36 22.13
N PHE D 681 -7.30 -28.50 21.26
CA PHE D 681 -7.53 -28.49 19.82
C PHE D 681 -7.20 -29.84 19.23
N LYS D 682 -7.99 -30.26 18.24
CA LYS D 682 -7.85 -31.56 17.60
C LYS D 682 -7.06 -31.40 16.31
N ASP D 683 -5.99 -32.18 16.19
CA ASP D 683 -5.09 -32.09 15.05
C ASP D 683 -5.70 -32.82 13.85
N SER D 684 -4.91 -32.97 12.79
CA SER D 684 -5.38 -33.73 11.63
C SER D 684 -5.51 -35.21 11.94
N LEU D 685 -4.95 -35.65 13.06
CA LEU D 685 -5.09 -37.04 13.49
C LEU D 685 -6.08 -37.22 14.63
N GLY D 686 -6.77 -36.16 15.03
CA GLY D 686 -7.81 -36.24 16.04
C GLY D 686 -7.35 -36.22 17.47
N ASN D 687 -6.05 -36.10 17.72
CA ASN D 687 -5.56 -36.08 19.09
C ASN D 687 -5.53 -34.65 19.63
N PRO D 688 -5.75 -34.49 20.94
CA PRO D 688 -5.68 -33.14 21.53
C PRO D 688 -4.27 -32.56 21.43
N THR D 689 -4.22 -31.24 21.30
CA THR D 689 -2.96 -30.52 21.21
C THR D 689 -3.21 -29.06 21.58
N HIS D 690 -2.15 -28.25 21.45
CA HIS D 690 -2.24 -26.81 21.68
C HIS D 690 -1.72 -26.02 20.49
N ILE D 691 -1.72 -26.60 19.30
CA ILE D 691 -1.14 -25.97 18.12
C ILE D 691 -2.12 -26.08 16.97
N LEU D 692 -2.36 -24.95 16.31
CA LEU D 692 -3.20 -24.92 15.11
C LEU D 692 -2.54 -24.01 14.08
N ARG D 693 -2.82 -24.29 12.80
CA ARG D 693 -2.26 -23.52 11.70
C ARG D 693 -3.41 -23.05 10.82
N ILE D 694 -3.53 -21.74 10.65
CA ILE D 694 -4.62 -21.12 9.91
C ILE D 694 -4.03 -20.37 8.72
N GLY D 695 -4.70 -20.47 7.57
CA GLY D 695 -4.29 -19.76 6.38
C GLY D 695 -3.19 -20.42 5.58
N GLU D 696 -3.00 -21.73 5.73
CA GLU D 696 -1.94 -22.42 5.02
C GLU D 696 -2.23 -22.48 3.53
N SER D 697 -1.20 -22.85 2.77
CA SER D 697 -1.28 -23.09 1.33
C SER D 697 -1.61 -21.81 0.56
N TYR D 698 -1.73 -20.69 1.26
CA TYR D 698 -2.06 -19.43 0.61
C TYR D 698 -0.92 -18.96 -0.28
N LYS D 699 0.33 -19.12 0.18
CA LYS D 699 1.47 -18.65 -0.59
C LYS D 699 1.56 -19.34 -1.94
N GLU D 700 1.14 -20.61 -2.02
CA GLU D 700 1.17 -21.32 -3.30
C GLU D 700 0.21 -20.69 -4.30
N LYS D 701 -1.00 -20.34 -3.85
CA LYS D 701 -1.95 -19.70 -4.76
C LYS D 701 -1.43 -18.34 -5.23
N GLN D 702 -0.85 -17.57 -4.30
CA GLN D 702 -0.30 -16.26 -4.68
C GLN D 702 0.84 -16.42 -5.68
N ARG D 703 1.71 -17.41 -5.46
CA ARG D 703 2.81 -17.62 -6.39
C ARG D 703 2.29 -18.10 -7.74
N THR D 704 1.23 -18.90 -7.76
CA THR D 704 0.63 -19.32 -9.02
C THR D 704 0.08 -18.11 -9.78
N ILE D 705 -0.63 -17.23 -9.09
CA ILE D 705 -1.18 -16.04 -9.73
C ILE D 705 -0.04 -15.17 -10.28
N GLN D 706 1.00 -14.98 -9.47
CA GLN D 706 2.12 -14.15 -9.90
C GLN D 706 2.85 -14.76 -11.08
N ALA D 707 3.01 -16.09 -11.10
CA ALA D 707 3.68 -16.75 -12.20
C ALA D 707 2.86 -16.63 -13.49
N ALA D 708 1.53 -16.74 -13.38
CA ALA D 708 0.70 -16.50 -14.55
C ALA D 708 0.87 -15.07 -15.05
N LYS D 709 0.90 -14.11 -14.14
CA LYS D 709 1.12 -12.73 -14.53
C LYS D 709 2.45 -12.57 -15.26
N GLU D 710 3.51 -13.19 -14.74
CA GLU D 710 4.82 -13.06 -15.36
C GLU D 710 4.86 -13.71 -16.74
N VAL D 711 4.29 -14.91 -16.87
CA VAL D 711 4.37 -15.62 -18.14
C VAL D 711 3.57 -14.87 -19.21
N GLU D 712 2.45 -14.23 -18.82
CA GLU D 712 1.75 -13.43 -19.80
C GLU D 712 2.44 -12.10 -20.05
N GLN D 713 3.18 -11.56 -19.06
CA GLN D 713 3.87 -10.30 -19.25
C GLN D 713 5.06 -10.45 -20.18
N ARG D 714 5.75 -11.59 -20.12
CA ARG D 714 6.87 -11.81 -21.04
C ARG D 714 6.38 -11.86 -22.48
N ARG D 715 5.19 -12.42 -22.71
CA ARG D 715 4.72 -12.63 -24.07
C ARG D 715 4.35 -11.31 -24.75
N ALA D 716 3.62 -10.44 -24.06
CA ALA D 716 3.07 -9.24 -24.69
C ALA D 716 3.20 -7.98 -23.85
N GLY D 717 3.90 -8.01 -22.72
CA GLY D 717 4.16 -6.83 -21.95
C GLY D 717 3.15 -6.50 -20.87
N GLY D 718 2.04 -7.23 -20.80
CA GLY D 718 1.06 -6.98 -19.76
C GLY D 718 0.07 -8.11 -19.66
N TYR D 719 -0.51 -8.25 -18.47
CA TYR D 719 -1.50 -9.28 -18.21
C TYR D 719 -2.90 -8.73 -18.40
N SER D 720 -3.74 -9.50 -19.08
CA SER D 720 -5.10 -9.07 -19.40
C SER D 720 -5.92 -8.85 -18.13
N ARG D 721 -7.09 -8.24 -18.31
CA ARG D 721 -7.92 -7.84 -17.18
C ARG D 721 -8.45 -9.02 -16.39
N LYS D 722 -8.34 -10.24 -16.91
CA LYS D 722 -8.77 -11.41 -16.16
C LYS D 722 -7.98 -11.58 -14.87
N TYR D 723 -6.68 -11.32 -14.90
CA TYR D 723 -5.81 -11.44 -13.74
C TYR D 723 -5.67 -10.15 -12.95
N ALA D 724 -6.51 -9.15 -13.23
CA ALA D 724 -6.29 -7.81 -12.69
C ALA D 724 -6.39 -7.81 -11.16
N SER D 725 -7.40 -8.48 -10.61
CA SER D 725 -7.72 -8.32 -9.19
C SER D 725 -7.82 -9.65 -8.45
N LYS D 726 -7.23 -10.72 -8.98
CA LYS D 726 -7.28 -12.00 -8.28
C LYS D 726 -6.51 -11.95 -6.98
N ALA D 727 -5.32 -11.34 -6.99
CA ALA D 727 -4.48 -11.33 -5.79
C ALA D 727 -5.14 -10.58 -4.65
N LYS D 728 -5.71 -9.41 -4.92
CA LYS D 728 -6.35 -8.64 -3.86
C LYS D 728 -7.53 -9.37 -3.28
N ASN D 729 -8.36 -9.99 -4.13
CA ASN D 729 -9.52 -10.72 -3.64
C ASN D 729 -9.10 -11.91 -2.78
N LEU D 730 -8.09 -12.67 -3.24
CA LEU D 730 -7.62 -13.81 -2.46
C LEU D 730 -7.05 -13.38 -1.12
N ALA D 731 -6.27 -12.30 -1.11
CA ALA D 731 -5.69 -11.82 0.14
C ALA D 731 -6.78 -11.32 1.09
N ASP D 732 -7.79 -10.62 0.56
CA ASP D 732 -8.85 -10.13 1.41
C ASP D 732 -9.66 -11.27 1.99
N ASP D 733 -9.91 -12.31 1.19
CA ASP D 733 -10.57 -13.51 1.71
C ASP D 733 -9.75 -14.14 2.81
N MET D 734 -8.44 -14.26 2.60
CA MET D 734 -7.57 -14.81 3.63
C MET D 734 -7.68 -14.04 4.93
N VAL D 735 -7.53 -12.71 4.85
CA VAL D 735 -7.49 -11.92 6.08
C VAL D 735 -8.83 -11.96 6.80
N ARG D 736 -9.93 -11.93 6.04
CA ARG D 736 -11.25 -11.95 6.67
C ARG D 736 -11.51 -13.29 7.34
N ASN D 737 -11.21 -14.40 6.65
CA ASN D 737 -11.41 -15.70 7.26
C ASN D 737 -10.49 -15.92 8.46
N THR D 738 -9.25 -15.42 8.38
CA THR D 738 -8.34 -15.54 9.51
C THR D 738 -8.86 -14.79 10.72
N ALA D 739 -9.39 -13.58 10.50
CA ALA D 739 -9.98 -12.83 11.60
C ALA D 739 -11.16 -13.58 12.19
N ARG D 740 -12.01 -14.15 11.34
CA ARG D 740 -13.15 -14.91 11.86
C ARG D 740 -12.70 -16.09 12.69
N ASP D 741 -11.71 -16.85 12.21
CA ASP D 741 -11.26 -18.03 12.94
C ASP D 741 -10.64 -17.66 14.27
N LEU D 742 -9.80 -16.62 14.28
CA LEU D 742 -9.17 -16.20 15.53
C LEU D 742 -10.21 -15.72 16.52
N LEU D 743 -11.18 -14.94 16.07
CA LEU D 743 -12.22 -14.45 16.97
C LEU D 743 -13.05 -15.60 17.52
N TYR D 744 -13.37 -16.58 16.67
CA TYR D 744 -14.10 -17.75 17.13
C TYR D 744 -13.34 -18.49 18.22
N TYR D 745 -12.06 -18.77 17.96
CA TYR D 745 -11.25 -19.49 18.94
C TYR D 745 -11.14 -18.72 20.24
N ALA D 746 -11.10 -17.38 20.16
CA ALA D 746 -11.08 -16.57 21.38
C ALA D 746 -12.38 -16.71 22.14
N VAL D 747 -13.50 -16.50 21.48
CA VAL D 747 -14.78 -16.40 22.18
C VAL D 747 -15.20 -17.75 22.73
N THR D 748 -14.97 -18.83 21.99
CA THR D 748 -15.42 -20.14 22.43
C THR D 748 -14.55 -20.74 23.52
N GLN D 749 -13.36 -20.20 23.76
CA GLN D 749 -12.43 -20.78 24.71
C GLN D 749 -12.18 -19.89 25.92
N ASP D 750 -12.84 -18.74 26.02
CA ASP D 750 -12.71 -17.83 27.17
C ASP D 750 -11.26 -17.42 27.38
N ALA D 751 -10.75 -16.67 26.40
CA ALA D 751 -9.34 -16.29 26.39
C ALA D 751 -9.17 -14.93 25.74
N MET D 752 -7.90 -14.56 25.53
CA MET D 752 -7.53 -13.26 24.99
C MET D 752 -6.32 -13.43 24.09
N LEU D 753 -6.36 -12.79 22.92
CA LEU D 753 -5.27 -12.90 21.95
C LEU D 753 -4.09 -12.04 22.36
N ILE D 754 -2.90 -12.46 21.93
CA ILE D 754 -1.67 -11.72 22.18
C ILE D 754 -0.95 -11.52 20.85
N PHE D 755 -0.92 -10.29 20.37
CA PHE D 755 -0.12 -9.93 19.21
C PHE D 755 1.29 -9.52 19.63
N ALA D 756 2.22 -9.67 18.69
CA ALA D 756 3.57 -9.18 18.89
C ALA D 756 3.64 -7.70 18.50
N ASN D 757 4.43 -6.94 19.26
CA ASN D 757 4.55 -5.51 19.00
C ASN D 757 5.43 -5.33 17.76
N LEU D 758 4.76 -5.03 16.65
CA LEU D 758 5.44 -4.78 15.37
C LEU D 758 5.07 -3.38 14.91
N SER D 759 6.07 -2.65 14.40
CA SER D 759 5.82 -1.32 13.88
C SER D 759 4.91 -1.37 12.65
N ARG D 760 4.11 -0.32 12.50
CA ARG D 760 3.19 -0.26 11.36
C ARG D 760 3.94 -0.27 10.05
N GLY D 761 3.39 -0.97 9.06
CA GLY D 761 4.02 -1.08 7.76
C GLY D 761 5.20 -2.03 7.71
N PHE D 762 5.42 -2.82 8.76
CA PHE D 762 6.57 -3.71 8.79
C PHE D 762 6.48 -4.77 7.71
N GLY D 763 7.62 -5.11 7.13
CA GLY D 763 7.68 -6.15 6.13
C GLY D 763 9.04 -6.16 5.47
N ARG D 764 9.31 -7.25 4.77
CA ARG D 764 10.58 -7.41 4.08
C ARG D 764 10.53 -6.72 2.72
N GLN D 765 11.50 -5.85 2.48
CA GLN D 765 11.69 -5.22 1.17
C GLN D 765 12.97 -5.78 0.58
N GLY D 766 12.83 -6.67 -0.40
CA GLY D 766 13.97 -7.30 -1.02
C GLY D 766 13.89 -7.33 -2.53
N LYS D 767 14.02 -8.52 -3.11
CA LYS D 767 13.98 -8.68 -4.56
C LYS D 767 12.77 -9.49 -5.02
N ARG D 768 12.45 -10.58 -4.32
CA ARG D 768 11.30 -11.41 -4.67
C ARG D 768 10.12 -11.12 -3.76
N THR D 769 9.96 -9.87 -3.36
CA THR D 769 8.86 -9.46 -2.50
C THR D 769 7.71 -8.90 -3.32
N PHE D 770 6.49 -9.16 -2.84
CA PHE D 770 5.28 -8.63 -3.45
C PHE D 770 4.37 -8.06 -2.38
N MET D 771 3.57 -7.06 -2.76
CA MET D 771 2.76 -6.33 -1.80
C MET D 771 1.58 -7.13 -1.28
N ALA D 772 1.18 -8.18 -1.99
CA ALA D 772 0.02 -8.97 -1.55
C ALA D 772 0.31 -9.75 -0.28
N GLU D 773 1.58 -9.97 0.06
CA GLU D 773 1.94 -10.81 1.19
C GLU D 773 2.19 -10.02 2.47
N ARG D 774 2.20 -8.70 2.42
CA ARG D 774 2.43 -7.87 3.60
C ARG D 774 1.10 -7.73 4.33
N GLN D 775 0.78 -8.72 5.15
CA GLN D 775 -0.54 -8.86 5.74
C GLN D 775 -0.45 -9.02 7.26
N TYR D 776 0.28 -8.13 7.92
CA TYR D 776 0.31 -8.10 9.38
C TYR D 776 -0.60 -6.99 9.91
N THR D 777 -0.33 -5.76 9.49
CA THR D 777 -1.16 -4.63 9.88
C THR D 777 -2.59 -4.80 9.40
N ARG D 778 -2.79 -5.41 8.23
CA ARG D 778 -4.16 -5.61 7.74
C ARG D 778 -4.93 -6.55 8.63
N MET D 779 -4.31 -7.66 9.07
CA MET D 779 -4.98 -8.56 9.99
C MET D 779 -5.28 -7.88 11.32
N GLU D 780 -4.30 -7.16 11.87
CA GLU D 780 -4.52 -6.50 13.15
C GLU D 780 -5.65 -5.46 13.04
N ASP D 781 -5.63 -4.66 11.98
CA ASP D 781 -6.63 -3.62 11.79
C ASP D 781 -8.02 -4.22 11.57
N TRP D 782 -8.12 -5.28 10.77
CA TRP D 782 -9.42 -5.88 10.54
C TRP D 782 -9.98 -6.49 11.82
N LEU D 783 -9.13 -7.18 12.60
CA LEU D 783 -9.61 -7.75 13.86
C LEU D 783 -10.05 -6.66 14.81
N THR D 784 -9.34 -5.54 14.84
CA THR D 784 -9.78 -4.41 15.66
C THR D 784 -11.12 -3.86 15.17
N ALA D 785 -11.28 -3.75 13.85
CA ALA D 785 -12.52 -3.19 13.31
C ALA D 785 -13.72 -4.05 13.65
N LYS D 786 -13.63 -5.36 13.41
CA LYS D 786 -14.74 -6.24 13.71
C LYS D 786 -15.03 -6.28 15.21
N LEU D 787 -14.00 -6.05 16.03
CA LEU D 787 -14.21 -6.00 17.47
C LEU D 787 -14.89 -4.70 17.88
N ALA D 788 -14.50 -3.58 17.25
CA ALA D 788 -15.00 -2.28 17.65
C ALA D 788 -16.38 -1.97 17.08
N TYR D 789 -16.86 -2.77 16.12
CA TYR D 789 -18.18 -2.52 15.57
C TYR D 789 -19.27 -2.72 16.62
N GLU D 790 -19.03 -3.56 17.61
CA GLU D 790 -19.96 -3.77 18.71
C GLU D 790 -19.71 -2.80 19.87
N GLY D 791 -18.74 -1.89 19.73
CA GLY D 791 -18.45 -0.93 20.77
C GLY D 791 -17.44 -1.39 21.80
N LEU D 792 -16.67 -2.42 21.51
CA LEU D 792 -15.73 -2.80 22.56
C LEU D 792 -14.36 -2.19 22.29
N PRO D 793 -13.68 -1.72 23.34
CA PRO D 793 -12.32 -1.22 23.17
C PRO D 793 -11.39 -2.34 22.74
N SER D 794 -10.39 -1.97 21.93
CA SER D 794 -9.43 -2.97 21.44
C SER D 794 -8.58 -3.53 22.57
N LYS D 795 -8.44 -2.79 23.67
CA LYS D 795 -7.61 -3.23 24.79
C LYS D 795 -8.25 -4.36 25.59
N THR D 796 -9.51 -4.69 25.32
CA THR D 796 -10.20 -5.72 26.10
C THR D 796 -9.98 -7.11 25.51
N TYR D 797 -10.38 -7.33 24.27
CA TYR D 797 -10.24 -8.62 23.61
C TYR D 797 -8.93 -8.74 22.83
N LEU D 798 -8.04 -7.76 22.93
CA LEU D 798 -6.81 -7.77 22.16
C LEU D 798 -5.74 -7.01 22.92
N SER D 799 -4.49 -7.41 22.71
CA SER D 799 -3.36 -6.72 23.33
C SER D 799 -2.09 -7.05 22.55
N LYS D 800 -1.07 -6.22 22.76
CA LYS D 800 0.23 -6.40 22.14
C LYS D 800 1.30 -6.37 23.21
N THR D 801 2.38 -7.11 22.97
CA THR D 801 3.47 -7.19 23.94
C THR D 801 4.79 -7.28 23.18
N LEU D 802 5.89 -7.33 23.94
CA LEU D 802 7.21 -7.30 23.35
C LEU D 802 7.48 -8.56 22.55
N ALA D 803 8.20 -8.41 21.43
CA ALA D 803 8.58 -9.52 20.57
C ALA D 803 10.07 -9.84 20.66
N GLN D 804 10.79 -9.23 21.57
CA GLN D 804 12.23 -9.39 21.64
C GLN D 804 12.60 -10.81 22.07
N TYR D 805 13.58 -11.40 21.39
CA TYR D 805 14.14 -12.72 21.68
C TYR D 805 13.10 -13.83 21.64
N THR D 806 11.93 -13.56 21.08
CA THR D 806 10.87 -14.57 21.06
C THR D 806 11.25 -15.76 20.17
N SER D 807 11.94 -15.49 19.06
CA SER D 807 12.31 -16.54 18.11
C SER D 807 13.70 -17.10 18.38
N LYS D 808 14.34 -16.72 19.47
CA LYS D 808 15.67 -17.20 19.81
C LYS D 808 15.69 -18.03 21.09
N THR D 809 14.53 -18.21 21.71
CA THR D 809 14.44 -18.82 23.03
C THR D 809 14.10 -20.31 22.92
N CYS D 810 14.86 -21.13 23.63
CA CYS D 810 14.58 -22.56 23.67
C CYS D 810 13.47 -22.86 24.66
N SER D 811 12.70 -23.91 24.36
CA SER D 811 11.63 -24.35 25.24
C SER D 811 12.07 -25.44 26.21
N ASN D 812 13.15 -26.15 25.92
CA ASN D 812 13.62 -27.22 26.78
C ASN D 812 14.74 -26.77 27.72
N CYS D 813 15.68 -25.98 27.21
CA CYS D 813 16.77 -25.46 28.03
C CYS D 813 16.65 -23.97 28.31
N GLY D 814 15.90 -23.23 27.49
CA GLY D 814 15.65 -21.83 27.75
C GLY D 814 16.76 -20.89 27.35
N PHE D 815 17.87 -21.39 26.84
CA PHE D 815 18.97 -20.52 26.46
C PHE D 815 18.63 -19.79 25.16
N THR D 816 18.97 -18.51 25.11
CA THR D 816 18.78 -17.70 23.92
C THR D 816 20.14 -17.37 23.35
N ILE D 817 20.35 -17.73 22.08
CA ILE D 817 21.63 -17.49 21.45
C ILE D 817 21.80 -16.00 21.20
N THR D 818 23.01 -15.51 21.41
CA THR D 818 23.33 -14.10 21.20
C THR D 818 24.65 -13.99 20.45
N SER D 819 24.80 -12.89 19.71
CA SER D 819 26.03 -12.66 18.98
C SER D 819 27.22 -12.53 19.92
N ALA D 820 26.98 -12.11 21.17
CA ALA D 820 28.05 -12.06 22.16
C ALA D 820 28.59 -13.44 22.46
N ASP D 821 27.73 -14.46 22.50
CA ASP D 821 28.18 -15.82 22.73
C ASP D 821 29.08 -16.31 21.60
N TYR D 822 28.74 -15.97 20.35
CA TYR D 822 29.57 -16.35 19.21
C TYR D 822 31.00 -15.85 19.38
N ASP D 823 31.16 -14.60 19.80
CA ASP D 823 32.50 -14.04 19.98
C ASP D 823 33.25 -14.78 21.09
N ARG D 824 32.55 -15.13 22.18
CA ARG D 824 33.18 -15.88 23.26
C ARG D 824 33.59 -17.28 22.78
N VAL D 825 32.72 -17.96 22.05
CA VAL D 825 33.00 -19.32 21.62
C VAL D 825 34.13 -19.33 20.59
N LEU D 826 34.17 -18.33 19.71
CA LEU D 826 35.21 -18.29 18.68
C LEU D 826 36.59 -18.17 19.29
N GLU D 827 36.72 -17.37 20.35
CA GLU D 827 38.03 -17.18 20.98
C GLU D 827 38.54 -18.47 21.60
N LYS D 828 37.63 -19.35 22.03
CA LYS D 828 38.04 -20.59 22.67
C LYS D 828 38.53 -21.61 21.66
N LEU D 829 38.01 -21.57 20.43
CA LEU D 829 38.27 -22.62 19.46
C LEU D 829 39.75 -22.74 19.13
N LYS D 830 40.24 -23.97 19.06
CA LYS D 830 41.61 -24.26 18.65
C LYS D 830 41.65 -25.68 18.10
N LYS D 831 42.80 -26.05 17.56
CA LYS D 831 42.98 -27.33 16.87
C LYS D 831 43.63 -28.35 17.79
N THR D 832 43.09 -29.57 17.79
CA THR D 832 43.60 -30.67 18.59
C THR D 832 43.92 -31.86 17.68
N ALA D 833 44.36 -32.96 18.30
CA ALA D 833 44.63 -34.18 17.56
C ALA D 833 43.35 -34.71 16.91
N THR D 834 42.25 -34.70 17.66
CA THR D 834 40.95 -35.06 17.09
C THR D 834 40.42 -34.03 16.12
N GLY D 835 41.04 -32.86 16.05
CA GLY D 835 40.57 -31.78 15.20
C GLY D 835 40.27 -30.54 15.99
N TRP D 836 39.51 -29.62 15.40
CA TRP D 836 39.13 -28.40 16.11
C TRP D 836 37.99 -28.70 17.08
N MET D 837 38.09 -28.18 18.30
CA MET D 837 37.03 -28.36 19.28
C MET D 837 36.82 -27.06 20.03
N THR D 838 35.65 -26.95 20.68
CA THR D 838 35.33 -25.80 21.51
C THR D 838 34.32 -26.24 22.56
N THR D 839 34.19 -25.43 23.60
CA THR D 839 33.26 -25.72 24.69
C THR D 839 32.38 -24.51 24.95
N ILE D 840 31.17 -24.78 25.43
CA ILE D 840 30.23 -23.75 25.86
C ILE D 840 29.71 -24.13 27.24
N ASN D 841 30.00 -23.29 28.24
CA ASN D 841 29.55 -23.50 29.61
C ASN D 841 29.92 -24.89 30.11
N GLY D 842 31.12 -25.34 29.74
CA GLY D 842 31.57 -26.66 30.11
C GLY D 842 31.08 -27.79 29.22
N LYS D 843 30.30 -27.48 28.18
CA LYS D 843 29.78 -28.48 27.26
C LYS D 843 30.63 -28.47 25.99
N GLU D 844 31.38 -29.55 25.77
CA GLU D 844 32.28 -29.62 24.62
C GLU D 844 31.51 -29.75 23.32
N LEU D 845 32.05 -29.13 22.27
CA LEU D 845 31.44 -29.15 20.94
C LEU D 845 32.41 -29.79 19.95
N LYS D 846 31.85 -30.43 18.93
CA LYS D 846 32.62 -31.06 17.86
C LYS D 846 32.46 -30.26 16.59
N VAL D 847 33.58 -29.90 15.96
CA VAL D 847 33.58 -29.05 14.78
C VAL D 847 33.71 -29.95 13.55
N GLU D 848 32.57 -30.45 13.06
CA GLU D 848 32.53 -31.31 11.88
C GLU D 848 31.16 -31.12 11.22
N GLY D 849 31.12 -30.41 10.11
CA GLY D 849 29.86 -30.13 9.47
C GLY D 849 30.01 -29.71 8.02
N GLN D 850 28.88 -29.32 7.43
CA GLN D 850 28.82 -28.86 6.05
C GLN D 850 27.84 -27.68 6.00
N ILE D 851 28.13 -26.70 5.15
CA ILE D 851 27.32 -25.49 5.07
C ILE D 851 26.75 -25.35 3.66
N THR D 852 25.44 -25.18 3.57
CA THR D 852 24.76 -24.97 2.30
C THR D 852 24.14 -23.57 2.26
N TYR D 853 24.00 -23.05 1.04
CA TYR D 853 23.73 -21.63 0.80
C TYR D 853 23.49 -21.42 -0.70
N TYR D 854 23.00 -20.23 -1.06
CA TYR D 854 22.60 -19.94 -2.43
C TYR D 854 22.78 -18.46 -2.77
N ASN D 855 23.95 -18.08 -3.29
CA ASN D 855 24.24 -16.69 -3.65
C ASN D 855 24.01 -16.48 -5.15
N ARG D 856 22.75 -16.63 -5.59
CA ARG D 856 22.30 -16.39 -6.95
C ARG D 856 23.37 -16.72 -8.00
N TYR D 857 23.64 -15.77 -8.90
CA TYR D 857 24.80 -15.78 -9.79
C TYR D 857 25.00 -17.13 -10.49
N LYS D 858 25.88 -17.97 -9.96
CA LYS D 858 26.10 -19.29 -10.57
C LYS D 858 24.84 -20.14 -10.54
N ARG D 859 24.08 -20.06 -9.45
CA ARG D 859 22.80 -20.73 -9.30
C ARG D 859 22.90 -22.24 -9.45
N GLN D 860 23.65 -22.87 -8.55
CA GLN D 860 23.72 -24.33 -8.46
C GLN D 860 24.00 -24.67 -7.00
N ASN D 861 23.69 -25.91 -6.63
CA ASN D 861 23.84 -26.36 -5.25
C ASN D 861 25.33 -26.54 -4.95
N VAL D 862 25.85 -25.73 -4.03
CA VAL D 862 27.26 -25.75 -3.66
C VAL D 862 27.34 -25.88 -2.14
N VAL D 863 28.20 -26.80 -1.67
CA VAL D 863 28.37 -27.03 -0.24
C VAL D 863 29.85 -26.91 0.09
N LYS D 864 30.16 -26.69 1.36
CA LYS D 864 31.55 -26.53 1.79
C LYS D 864 31.84 -27.42 3.01
N ASP D 865 33.03 -28.02 3.05
CA ASP D 865 33.48 -28.70 4.24
C ASP D 865 33.75 -27.69 5.35
N LEU D 866 33.62 -28.14 6.60
CA LEU D 866 33.85 -27.23 7.73
C LEU D 866 35.30 -27.26 8.19
N SER D 867 35.77 -28.44 8.63
CA SER D 867 37.12 -28.53 9.18
C SER D 867 38.18 -28.27 8.10
N VAL D 868 37.98 -28.79 6.89
CA VAL D 868 38.96 -28.63 5.83
C VAL D 868 39.14 -27.14 5.50
N GLU D 869 38.02 -26.42 5.37
CA GLU D 869 38.12 -24.97 5.15
C GLU D 869 38.76 -24.28 6.35
N LEU D 870 38.42 -24.72 7.57
CA LEU D 870 39.11 -24.21 8.75
C LEU D 870 40.59 -24.57 8.70
N ASP D 871 40.91 -25.79 8.29
CA ASP D 871 42.31 -26.16 8.07
C ASP D 871 42.91 -25.34 6.93
N ARG D 872 42.11 -25.10 5.87
CA ARG D 872 42.55 -24.21 4.81
C ARG D 872 42.76 -22.80 5.32
N LEU D 873 41.87 -22.33 6.22
CA LEU D 873 42.07 -21.04 6.84
C LEU D 873 43.32 -21.03 7.72
N SER D 874 43.69 -22.19 8.27
CA SER D 874 44.90 -22.32 9.07
C SER D 874 46.17 -22.28 8.23
N GLU D 875 46.06 -22.33 6.90
CA GLU D 875 47.23 -22.27 6.04
C GLU D 875 47.95 -20.93 6.15
N GLU D 876 47.21 -19.85 6.37
CA GLU D 876 47.77 -18.51 6.43
C GLU D 876 48.17 -18.08 7.83
N SER D 877 48.07 -18.98 8.82
CA SER D 877 48.43 -18.67 10.19
C SER D 877 49.29 -19.80 10.76
N VAL D 878 50.10 -19.45 11.75
CA VAL D 878 50.98 -20.39 12.44
C VAL D 878 50.41 -20.64 13.84
N ASN D 879 50.30 -21.91 14.21
CA ASN D 879 49.71 -22.36 15.48
C ASN D 879 48.24 -21.99 15.60
N ASN D 880 47.62 -21.52 14.52
CA ASN D 880 46.19 -21.18 14.48
C ASN D 880 45.82 -20.16 15.55
N ASP D 881 46.68 -19.14 15.71
CA ASP D 881 46.40 -18.05 16.64
C ASP D 881 45.32 -17.17 16.02
N ILE D 882 44.06 -17.45 16.37
CA ILE D 882 42.93 -16.81 15.70
C ILE D 882 42.91 -15.31 15.98
N SER D 883 43.31 -14.91 17.19
CA SER D 883 43.30 -13.50 17.55
C SER D 883 44.17 -12.66 16.64
N SER D 884 45.23 -13.23 16.07
CA SER D 884 46.15 -12.49 15.22
C SER D 884 45.64 -12.30 13.80
N TRP D 885 44.52 -12.92 13.44
CA TRP D 885 44.02 -12.83 12.06
C TRP D 885 43.53 -11.43 11.75
N THR D 886 43.64 -11.06 10.48
CA THR D 886 43.23 -9.73 10.03
C THR D 886 41.71 -9.62 10.01
N LYS D 887 41.23 -8.39 9.81
CA LYS D 887 39.79 -8.14 9.79
C LYS D 887 39.10 -8.89 8.67
N GLY D 888 39.71 -8.91 7.48
CA GLY D 888 39.06 -9.53 6.33
C GLY D 888 38.93 -11.03 6.48
N ARG D 889 39.99 -11.71 6.91
CA ARG D 889 39.94 -13.15 7.07
C ARG D 889 39.18 -13.58 8.32
N SER D 890 39.16 -12.73 9.35
CA SER D 890 38.35 -13.04 10.53
C SER D 890 36.86 -12.97 10.20
N GLY D 891 36.46 -12.12 9.25
CA GLY D 891 35.07 -12.03 8.87
C GLY D 891 34.54 -13.34 8.30
N GLU D 892 35.40 -14.07 7.58
CA GLU D 892 35.04 -15.41 7.15
C GLU D 892 34.89 -16.37 8.33
N ALA D 893 35.73 -16.19 9.36
CA ALA D 893 35.80 -17.16 10.45
C ALA D 893 34.47 -17.25 11.21
N LEU D 894 33.94 -16.11 11.66
CA LEU D 894 32.71 -16.17 12.43
C LEU D 894 31.51 -16.46 11.53
N SER D 895 31.58 -16.06 10.25
CA SER D 895 30.48 -16.33 9.33
C SER D 895 30.28 -17.82 9.15
N LEU D 896 31.36 -18.59 9.01
CA LEU D 896 31.25 -20.03 8.83
C LEU D 896 30.63 -20.69 10.06
N LEU D 897 31.02 -20.26 11.25
CA LEU D 897 30.45 -20.83 12.47
C LEU D 897 29.02 -20.35 12.67
N LYS D 898 28.71 -19.12 12.25
CA LYS D 898 27.36 -18.59 12.43
C LYS D 898 26.34 -19.42 11.64
N LYS D 899 26.67 -19.77 10.39
CA LYS D 899 25.73 -20.53 9.58
C LYS D 899 25.67 -21.99 10.01
N ARG D 900 26.80 -22.57 10.40
CA ARG D 900 26.81 -23.98 10.80
C ARG D 900 26.19 -24.19 12.17
N PHE D 901 26.30 -23.20 13.07
CA PHE D 901 25.71 -23.28 14.40
C PHE D 901 24.46 -22.42 14.52
N SER D 902 23.85 -22.04 13.39
CA SER D 902 22.64 -21.23 13.42
C SER D 902 21.49 -21.99 14.04
N HIS D 903 20.67 -21.28 14.80
CA HIS D 903 19.47 -21.87 15.40
C HIS D 903 18.34 -22.08 14.42
N ARG D 904 18.37 -21.42 13.26
CA ARG D 904 17.36 -21.57 12.22
C ARG D 904 18.03 -21.85 10.89
N PRO D 905 18.61 -23.05 10.70
CA PRO D 905 19.11 -23.41 9.37
C PRO D 905 18.02 -23.43 8.32
N VAL D 906 16.83 -23.86 8.69
CA VAL D 906 15.67 -23.90 7.81
C VAL D 906 14.54 -23.13 8.48
N GLN D 907 13.69 -22.52 7.67
CA GLN D 907 12.66 -21.64 8.21
C GLN D 907 11.67 -22.39 9.09
N GLU D 908 11.39 -23.64 8.74
CA GLU D 908 10.40 -24.44 9.47
C GLU D 908 11.03 -25.42 10.44
N LYS D 909 12.36 -25.41 10.59
CA LYS D 909 13.05 -26.34 11.48
C LYS D 909 14.02 -25.57 12.36
N PHE D 910 13.94 -25.81 13.66
CA PHE D 910 14.76 -25.12 14.65
C PHE D 910 15.63 -26.14 15.38
N VAL D 911 16.89 -25.76 15.60
CA VAL D 911 17.83 -26.57 16.35
C VAL D 911 18.47 -25.71 17.43
N CYS D 912 18.60 -26.28 18.62
CA CYS D 912 19.25 -25.59 19.72
C CYS D 912 20.73 -25.93 19.77
N LEU D 913 21.51 -25.07 20.41
CA LEU D 913 22.95 -25.30 20.53
C LEU D 913 23.33 -25.87 21.88
N ASN D 914 22.74 -25.37 22.97
CA ASN D 914 23.06 -25.83 24.31
C ASN D 914 22.42 -27.17 24.65
N CYS D 915 21.37 -27.57 23.94
CA CYS D 915 20.72 -28.84 24.20
C CYS D 915 20.39 -29.64 22.94
N GLY D 916 20.51 -29.03 21.76
CA GLY D 916 20.25 -29.76 20.53
C GLY D 916 18.81 -30.11 20.28
N PHE D 917 17.86 -29.34 20.82
CA PHE D 917 16.45 -29.63 20.62
C PHE D 917 16.07 -29.42 19.16
N GLU D 918 15.12 -30.25 18.70
CA GLU D 918 14.60 -30.15 17.34
C GLU D 918 13.09 -30.09 17.39
N THR D 919 12.52 -29.08 16.76
CA THR D 919 11.07 -28.91 16.69
C THR D 919 10.78 -27.89 15.60
N HIS D 920 9.49 -27.69 15.32
CA HIS D 920 9.09 -26.67 14.36
C HIS D 920 9.37 -25.28 14.93
N ALA D 921 9.80 -24.37 14.06
CA ALA D 921 10.28 -23.07 14.51
C ALA D 921 9.14 -22.21 15.04
N ALA D 922 8.04 -22.11 14.28
CA ALA D 922 7.01 -21.12 14.59
C ALA D 922 6.27 -21.46 15.87
N GLU D 923 6.04 -22.75 16.14
CA GLU D 923 5.27 -23.16 17.31
C GLU D 923 5.96 -22.72 18.59
N GLN D 924 7.26 -22.94 18.69
CA GLN D 924 8.00 -22.54 19.88
C GLN D 924 7.95 -21.03 20.07
N ALA D 925 8.13 -20.28 18.98
CA ALA D 925 8.02 -18.82 19.06
C ALA D 925 6.62 -18.40 19.44
N ALA D 926 5.60 -19.11 18.93
CA ALA D 926 4.22 -18.78 19.29
C ALA D 926 3.99 -18.95 20.78
N LEU D 927 4.49 -20.04 21.36
CA LEU D 927 4.37 -20.21 22.81
C LEU D 927 5.16 -19.15 23.56
N ASN D 928 6.36 -18.83 23.07
CA ASN D 928 7.18 -17.81 23.72
C ASN D 928 6.50 -16.44 23.69
N ILE D 929 5.65 -16.19 22.70
CA ILE D 929 4.92 -14.93 22.67
C ILE D 929 4.03 -14.79 23.89
N ALA D 930 3.22 -15.81 24.16
CA ALA D 930 2.36 -15.79 25.34
C ALA D 930 3.18 -15.76 26.63
N ARG D 931 4.30 -16.50 26.63
CA ARG D 931 5.16 -16.49 27.81
C ARG D 931 5.71 -15.10 28.08
N SER D 932 6.13 -14.39 27.03
CA SER D 932 6.61 -13.02 27.19
C SER D 932 5.50 -12.09 27.66
N TRP D 933 4.29 -12.26 27.12
CA TRP D 933 3.19 -11.42 27.57
C TRP D 933 2.92 -11.63 29.05
N LEU D 934 3.01 -12.88 29.51
CA LEU D 934 2.87 -13.14 30.94
C LEU D 934 4.00 -12.49 31.73
N PHE D 935 5.23 -12.57 31.21
CA PHE D 935 6.39 -12.05 31.94
C PHE D 935 6.31 -10.53 32.11
N LEU D 936 5.90 -9.82 31.06
CA LEU D 936 5.93 -8.35 31.12
C LEU D 936 5.03 -7.79 32.20
N ARG D 937 4.03 -8.53 32.68
CA ARG D 937 3.22 -8.08 33.79
C ARG D 937 3.59 -8.77 35.11
N SER D 938 4.72 -9.48 35.13
CA SER D 938 5.20 -10.10 36.35
C SER D 938 5.94 -9.04 37.18
N GLN D 939 6.56 -9.47 38.28
CA GLN D 939 7.23 -8.53 39.18
C GLN D 939 8.73 -8.42 38.92
N GLU D 940 9.34 -9.46 38.35
CA GLU D 940 10.76 -9.40 38.05
C GLU D 940 11.06 -8.26 37.08
N TYR D 941 10.11 -7.96 36.20
CA TYR D 941 10.27 -6.83 35.29
C TYR D 941 10.41 -5.52 36.04
N LYS D 942 9.63 -5.34 37.11
CA LYS D 942 9.68 -4.11 37.88
C LYS D 942 11.05 -3.87 38.48
N LYS D 943 11.66 -4.93 39.03
CA LYS D 943 12.99 -4.78 39.62
C LYS D 943 14.02 -4.37 38.58
N TYR D 944 13.89 -4.88 37.35
CA TYR D 944 14.78 -4.45 36.28
C TYR D 944 14.58 -2.98 35.96
N GLN D 945 13.32 -2.51 36.02
CA GLN D 945 13.05 -1.11 35.75
C GLN D 945 13.73 -0.20 36.77
N THR D 946 13.72 -0.61 38.05
CA THR D 946 14.35 0.21 39.09
C THR D 946 15.84 0.37 38.84
N ASN D 947 16.52 -0.70 38.41
CA ASN D 947 17.96 -0.64 38.23
C ASN D 947 18.34 0.21 37.01
N LYS D 948 17.58 0.09 35.91
CA LYS D 948 17.96 0.75 34.67
C LYS D 948 17.74 2.25 34.71
N THR D 949 16.98 2.76 35.68
CA THR D 949 16.71 4.20 35.75
C THR D 949 17.98 5.02 35.92
N THR D 950 19.07 4.41 36.38
CA THR D 950 20.33 5.11 36.62
C THR D 950 21.16 5.30 35.36
N GLY D 951 20.56 5.18 34.18
CA GLY D 951 21.29 5.35 32.93
C GLY D 951 21.98 4.11 32.42
N ASN D 952 21.77 2.96 33.06
CA ASN D 952 22.39 1.70 32.62
C ASN D 952 21.53 1.10 31.51
N THR D 953 21.73 1.63 30.30
CA THR D 953 21.02 1.16 29.12
C THR D 953 21.70 -0.07 28.52
N ASP D 954 21.90 -1.09 29.35
CA ASP D 954 22.55 -2.32 28.95
C ASP D 954 21.48 -3.37 28.65
N LYS D 955 21.28 -3.67 27.36
CA LYS D 955 20.29 -4.66 26.98
C LYS D 955 20.66 -6.06 27.46
N ARG D 956 21.94 -6.31 27.73
CA ARG D 956 22.34 -7.62 28.23
C ARG D 956 21.77 -7.90 29.61
N ALA D 957 21.53 -6.85 30.40
CA ALA D 957 20.80 -7.03 31.65
C ALA D 957 19.38 -7.51 31.38
N PHE D 958 18.74 -6.96 30.35
CA PHE D 958 17.43 -7.46 29.93
C PHE D 958 17.50 -8.91 29.50
N VAL D 959 18.56 -9.27 28.76
CA VAL D 959 18.75 -10.67 28.38
C VAL D 959 18.93 -11.54 29.61
N GLU D 960 19.77 -11.09 30.54
CA GLU D 960 19.99 -11.84 31.77
C GLU D 960 18.69 -11.99 32.56
N THR D 961 17.92 -10.91 32.67
CA THR D 961 16.65 -10.97 33.36
C THR D 961 15.70 -11.92 32.65
N TRP D 962 15.66 -11.87 31.32
CA TRP D 962 14.79 -12.76 30.55
C TRP D 962 15.13 -14.21 30.85
N GLN D 963 16.41 -14.56 30.73
CA GLN D 963 16.84 -15.94 30.98
C GLN D 963 16.54 -16.37 32.40
N SER D 964 16.86 -15.50 33.37
CA SER D 964 16.69 -15.85 34.79
C SER D 964 15.22 -16.08 35.11
N PHE D 965 14.35 -15.18 34.67
CA PHE D 965 12.92 -15.36 34.89
C PHE D 965 12.42 -16.62 34.20
N TYR D 966 12.92 -16.90 32.99
CA TYR D 966 12.38 -18.00 32.23
C TYR D 966 12.73 -19.34 32.87
N ARG D 967 14.00 -19.55 33.24
CA ARG D 967 14.32 -20.85 33.82
C ARG D 967 13.91 -20.93 35.28
N LYS D 968 13.68 -19.78 35.93
CA LYS D 968 13.07 -19.81 37.26
C LYS D 968 11.68 -20.41 37.20
N LYS D 969 10.90 -20.03 36.19
CA LYS D 969 9.54 -20.56 36.05
C LYS D 969 9.55 -21.97 35.49
N LEU D 970 10.51 -22.28 34.60
CA LEU D 970 10.53 -23.60 33.96
C LEU D 970 10.76 -24.70 34.97
N LYS D 971 11.42 -24.40 36.09
CA LYS D 971 11.82 -25.44 37.02
C LYS D 971 10.62 -26.17 37.62
N GLU D 972 9.54 -25.44 37.90
CA GLU D 972 8.41 -25.99 38.63
C GLU D 972 7.16 -26.17 37.77
N VAL D 973 6.69 -25.09 37.15
CA VAL D 973 5.41 -25.15 36.45
C VAL D 973 5.56 -25.66 35.02
N TRP D 974 6.67 -25.36 34.35
CA TRP D 974 6.87 -25.75 32.96
C TRP D 974 7.71 -27.02 32.89
N LYS D 975 7.05 -28.14 33.18
CA LYS D 975 7.70 -29.44 33.03
C LYS D 975 7.96 -29.70 31.56
N PRO D 976 9.21 -29.98 31.16
CA PRO D 976 9.51 -30.12 29.73
C PRO D 976 8.87 -31.37 29.15
N ALA D 977 8.52 -31.27 27.87
CA ALA D 977 7.94 -32.40 27.16
C ALA D 977 8.98 -33.48 26.95
N VAL D 978 8.59 -34.74 27.16
CA VAL D 978 9.50 -35.86 27.01
C VAL D 978 8.99 -36.81 25.94
#